data_6J24
#
_entry.id   6J24
#
_cell.length_a   160.445
_cell.length_b   62.151
_cell.length_c   112.296
_cell.angle_alpha   90.00
_cell.angle_beta   112.88
_cell.angle_gamma   90.00
#
_symmetry.space_group_name_H-M   'C 1 2 1'
#
loop_
_entity.id
_entity.type
_entity.pdbx_description
1 polymer O-methyltransferase
2 non-polymer "(3~{S},4'~{R},4'~{a}~{S},6'~{R},8'~{a}~{S})-4',6'-dimethyl-5-phenyl-spiro[1~{H}-pyridine-3,5'-2,3,4,4~{a},6,8~{a}-hexahydro-1~{H}-naphthalene]-2,4-dione"
3 non-polymer S-ADENOSYLMETHIONINE
4 water water
#
_entity_poly.entity_id   1
_entity_poly.type   'polypeptide(L)'
_entity_poly.pdbx_seq_one_letter_code
;METVAAIKTLIQQLAQSTDQFGRAEINDALRELQYSLETPFDTVMRMSLDTCQVAVARIGSDLGLFKHLSQCASPQSAEE
LADHLGCGRELMSRLLRYMASVRMVQQTDDIKYISSNITQTLAVPGLEAGMRHAFENLWPVLMALPDFLAERKYPDIVDA
KDTAFQKAFNTDQDCFHWLATQPTRIANFKVLLTDERTPNFLSTFPLEKELGSWSAEPEKALFVDIGGGMGHACIRLREK
YPNQPGRVILQDLPPVLQAAQATLPLSGIESMPHNFHTPQPVQGAKFYFLRLILRDFPDHQALEILQNIVPAMDAESRIV
IDDGVPPEKGARWAETGTDICIMSALGSKERTQRQWEELAAKAGLQLQALYQYTWPVVNAAMVFSLQ
;
_entity_poly.pdbx_strand_id   B,A
#
loop_
_chem_comp.id
_chem_comp.type
_chem_comp.name
_chem_comp.formula
BYO non-polymer (3~{S},4'~{R},4'~{a}~{S},6'~{R},8'~{a}~{S})-4',6'-dimethyl-5-phenyl-spiro[1~{H}-pyridine-3,5'-2,3,4,4~{a},6,8~{a}-hexahydro-1~{H}-naphthalene]-2,4-dione 'C22 H25 N O2'
SAM non-polymer S-ADENOSYLMETHIONINE 'C15 H22 N6 O5 S'
#
# COMPACT_ATOMS: atom_id res chain seq x y z
N MET A 1 2.31 -18.93 18.95
CA MET A 1 1.25 -19.56 19.72
C MET A 1 0.67 -20.81 19.03
N GLU A 2 0.03 -21.66 19.84
CA GLU A 2 -0.67 -22.81 19.28
C GLU A 2 -1.99 -22.40 18.63
N THR A 3 -2.61 -21.33 19.13
CA THR A 3 -3.86 -20.87 18.54
C THR A 3 -3.66 -20.38 17.11
N VAL A 4 -2.60 -19.61 16.86
CA VAL A 4 -2.40 -19.07 15.52
C VAL A 4 -2.06 -20.19 14.53
N ALA A 5 -1.29 -21.19 14.97
CA ALA A 5 -0.99 -22.31 14.09
C ALA A 5 -2.24 -23.11 13.76
N ALA A 6 -3.21 -23.17 14.68
CA ALA A 6 -4.46 -23.85 14.39
C ALA A 6 -5.31 -23.05 13.42
N ILE A 7 -5.33 -21.73 13.57
CA ILE A 7 -5.99 -20.87 12.57
C ILE A 7 -5.38 -21.10 11.20
N LYS A 8 -4.04 -21.13 11.13
CA LYS A 8 -3.37 -21.29 9.86
C LYS A 8 -3.74 -22.62 9.22
N THR A 9 -3.59 -23.72 9.97
CA THR A 9 -3.97 -25.04 9.46
C THR A 9 -5.40 -25.03 8.95
N LEU A 10 -6.29 -24.43 9.73
CA LEU A 10 -7.72 -24.45 9.41
C LEU A 10 -8.02 -23.68 8.12
N ILE A 11 -7.52 -22.45 8.02
CA ILE A 11 -7.81 -21.69 6.81
C ILE A 11 -7.14 -22.32 5.59
N GLN A 12 -5.94 -22.91 5.78
CA GLN A 12 -5.28 -23.62 4.68
C GLN A 12 -6.15 -24.76 4.16
N GLN A 13 -6.67 -25.59 5.07
CA GLN A 13 -7.50 -26.71 4.63
C GLN A 13 -8.76 -26.23 3.93
N LEU A 14 -9.39 -25.17 4.45
CA LEU A 14 -10.57 -24.65 3.77
C LEU A 14 -10.22 -24.13 2.38
N ALA A 15 -9.09 -23.43 2.26
CA ALA A 15 -8.68 -22.89 0.96
C ALA A 15 -8.43 -24.02 -0.04
N GLN A 16 -7.75 -25.09 0.39
CA GLN A 16 -7.52 -26.22 -0.50
C GLN A 16 -8.78 -27.02 -0.80
N SER A 17 -9.87 -26.78 -0.06
CA SER A 17 -11.11 -27.54 -0.23
C SER A 17 -12.11 -26.85 -1.14
N THR A 18 -11.73 -25.74 -1.77
CA THR A 18 -12.63 -24.95 -2.59
C THR A 18 -11.91 -24.58 -3.87
N ASP A 19 -12.60 -23.84 -4.75
CA ASP A 19 -11.97 -23.45 -6.00
C ASP A 19 -11.31 -22.09 -5.84
N GLN A 20 -10.73 -21.60 -6.93
CA GLN A 20 -10.08 -20.29 -6.91
C GLN A 20 -11.04 -19.19 -6.49
N PHE A 21 -12.33 -19.32 -6.83
CA PHE A 21 -13.30 -18.30 -6.44
C PHE A 21 -13.54 -18.33 -4.93
N GLY A 22 -13.62 -19.53 -4.35
CA GLY A 22 -13.71 -19.63 -2.90
C GLY A 22 -12.49 -19.07 -2.21
N ARG A 23 -11.29 -19.35 -2.74
CA ARG A 23 -10.08 -18.82 -2.14
C ARG A 23 -10.06 -17.29 -2.18
N ALA A 24 -10.49 -16.71 -3.30
CA ALA A 24 -10.55 -15.25 -3.37
C ALA A 24 -11.53 -14.69 -2.35
N GLU A 25 -12.64 -15.38 -2.11
CA GLU A 25 -13.56 -14.92 -1.07
C GLU A 25 -12.92 -15.02 0.32
N ILE A 26 -12.19 -16.11 0.58
CA ILE A 26 -11.51 -16.23 1.87
C ILE A 26 -10.48 -15.14 2.01
N ASN A 27 -9.73 -14.85 0.95
CA ASN A 27 -8.72 -13.80 1.05
C ASN A 27 -9.33 -12.45 1.35
N ASP A 28 -10.47 -12.12 0.73
CA ASP A 28 -11.14 -10.89 1.09
C ASP A 28 -11.60 -10.90 2.54
N ALA A 29 -12.00 -12.06 3.06
CA ALA A 29 -12.43 -12.14 4.45
C ALA A 29 -11.25 -11.94 5.39
N LEU A 30 -10.09 -12.53 5.08
CA LEU A 30 -8.89 -12.29 5.90
C LEU A 30 -8.51 -10.82 5.91
N ARG A 31 -8.71 -10.12 4.79
CA ARG A 31 -8.40 -8.71 4.73
C ARG A 31 -9.34 -7.90 5.63
N GLU A 32 -10.65 -8.12 5.49
CA GLU A 32 -11.60 -7.43 6.36
C GLU A 32 -11.32 -7.71 7.82
N LEU A 33 -10.97 -8.95 8.16
CA LEU A 33 -10.64 -9.27 9.55
C LEU A 33 -9.44 -8.46 10.04
N GLN A 34 -8.36 -8.42 9.24
CA GLN A 34 -7.19 -7.64 9.61
CA GLN A 34 -7.19 -7.64 9.61
C GLN A 34 -7.56 -6.19 9.89
N TYR A 35 -8.31 -5.57 8.99
CA TYR A 35 -8.71 -4.17 9.20
C TYR A 35 -9.58 -4.02 10.45
N SER A 36 -10.42 -5.00 10.76
CA SER A 36 -11.31 -4.85 11.90
C SER A 36 -10.58 -5.08 13.23
N LEU A 37 -9.54 -5.89 13.25
CA LEU A 37 -8.84 -6.21 14.48
C LEU A 37 -7.64 -5.33 14.78
N GLU A 38 -7.21 -4.48 13.85
CA GLU A 38 -6.03 -3.66 14.08
CA GLU A 38 -6.03 -3.65 14.07
C GLU A 38 -6.33 -2.52 15.05
N THR A 39 -5.32 -2.13 15.82
CA THR A 39 -5.44 -0.95 16.65
C THR A 39 -5.43 0.30 15.77
N PRO A 40 -5.91 1.43 16.29
CA PRO A 40 -5.79 2.70 15.54
C PRO A 40 -4.37 2.98 15.08
N PHE A 41 -3.37 2.71 15.92
CA PHE A 41 -1.99 2.92 15.52
C PHE A 41 -1.57 1.92 14.44
N ASP A 42 -2.01 0.67 14.55
CA ASP A 42 -1.76 -0.31 13.50
C ASP A 42 -2.30 0.17 12.16
N THR A 43 -3.50 0.76 12.16
CA THR A 43 -4.08 1.26 10.92
C THR A 43 -3.16 2.25 10.23
N VAL A 44 -2.69 3.26 10.98
CA VAL A 44 -1.85 4.28 10.37
C VAL A 44 -0.52 3.67 9.94
N MET A 45 0.03 2.77 10.75
CA MET A 45 1.28 2.12 10.39
C MET A 45 1.11 1.25 9.15
N ARG A 46 -0.02 0.55 9.03
CA ARG A 46 -0.25 -0.29 7.85
C ARG A 46 -0.35 0.56 6.58
N MET A 47 -1.18 1.61 6.61
CA MET A 47 -1.29 2.50 5.45
C MET A 47 0.05 3.11 5.08
N SER A 48 0.84 3.50 6.08
CA SER A 48 2.14 4.10 5.79
C SER A 48 3.12 3.08 5.19
N LEU A 49 3.19 1.88 5.78
CA LEU A 49 4.28 0.97 5.43
C LEU A 49 3.99 0.08 4.23
N ASP A 50 2.74 -0.25 3.94
CA ASP A 50 2.44 -1.07 2.76
C ASP A 50 2.87 -0.39 1.46
N THR A 51 3.07 0.93 1.49
CA THR A 51 3.65 1.65 0.36
C THR A 51 5.02 1.10 -0.03
N CYS A 52 5.81 0.65 0.95
CA CYS A 52 7.15 0.14 0.67
C CYS A 52 7.15 -1.05 -0.28
N GLN A 53 6.05 -1.82 -0.34
CA GLN A 53 6.09 -3.06 -1.10
C GLN A 53 6.38 -2.80 -2.58
N VAL A 54 5.72 -1.80 -3.16
CA VAL A 54 5.97 -1.50 -4.57
C VAL A 54 7.39 -0.97 -4.77
N ALA A 55 7.83 -0.06 -3.90
CA ALA A 55 9.19 0.47 -4.03
C ALA A 55 10.22 -0.64 -3.89
N VAL A 56 10.02 -1.56 -2.94
CA VAL A 56 11.02 -2.61 -2.71
C VAL A 56 10.96 -3.66 -3.82
N ALA A 57 9.75 -3.97 -4.32
CA ALA A 57 9.66 -4.86 -5.47
C ALA A 57 10.35 -4.25 -6.67
N ARG A 58 10.19 -2.95 -6.88
CA ARG A 58 10.83 -2.28 -8.00
C ARG A 58 12.34 -2.39 -7.91
N ILE A 59 12.89 -2.18 -6.71
CA ILE A 59 14.33 -2.34 -6.51
C ILE A 59 14.77 -3.77 -6.84
N GLY A 60 14.04 -4.76 -6.31
CA GLY A 60 14.41 -6.14 -6.55
C GLY A 60 14.25 -6.53 -8.01
N SER A 61 13.27 -5.95 -8.69
CA SER A 61 13.17 -6.12 -10.14
C SER A 61 14.39 -5.51 -10.83
N ASP A 62 14.79 -4.30 -10.41
CA ASP A 62 15.96 -3.64 -10.99
C ASP A 62 17.22 -4.47 -10.83
N LEU A 63 17.31 -5.23 -9.74
CA LEU A 63 18.51 -6.02 -9.47
C LEU A 63 18.45 -7.43 -10.05
N GLY A 64 17.32 -7.84 -10.61
CA GLY A 64 17.14 -9.21 -11.07
C GLY A 64 17.01 -10.22 -9.94
N LEU A 65 16.68 -9.76 -8.73
CA LEU A 65 16.71 -10.62 -7.56
C LEU A 65 15.64 -11.70 -7.62
N PHE A 66 14.41 -11.35 -8.01
CA PHE A 66 13.35 -12.35 -8.01
C PHE A 66 13.57 -13.40 -9.10
N LYS A 67 13.93 -12.98 -10.31
CA LYS A 67 14.27 -13.92 -11.36
C LYS A 67 15.44 -14.82 -10.95
N HIS A 68 16.46 -14.23 -10.32
CA HIS A 68 17.61 -15.01 -9.87
C HIS A 68 17.22 -16.03 -8.81
N LEU A 69 16.61 -15.56 -7.71
CA LEU A 69 16.22 -16.46 -6.63
C LEU A 69 15.26 -17.54 -7.12
N SER A 70 14.40 -17.23 -8.09
CA SER A 70 13.47 -18.23 -8.61
C SER A 70 14.18 -19.41 -9.25
N GLN A 71 15.44 -19.23 -9.65
CA GLN A 71 16.25 -20.27 -10.27
C GLN A 71 17.23 -20.92 -9.31
N CYS A 72 17.12 -20.67 -8.01
CA CYS A 72 18.00 -21.26 -7.02
C CYS A 72 17.33 -22.48 -6.40
N ALA A 73 18.05 -23.60 -6.38
CA ALA A 73 17.56 -24.82 -5.76
C ALA A 73 17.95 -24.94 -4.29
N SER A 74 18.83 -24.07 -3.80
CA SER A 74 19.27 -24.11 -2.41
C SER A 74 19.17 -22.72 -1.79
N PRO A 75 18.92 -22.64 -0.48
CA PRO A 75 18.82 -21.34 0.19
C PRO A 75 20.06 -20.49 -0.02
N GLN A 76 19.85 -19.18 -0.13
CA GLN A 76 20.91 -18.22 -0.41
C GLN A 76 21.01 -17.24 0.74
N SER A 77 22.23 -16.99 1.19
CA SER A 77 22.43 -15.98 2.23
C SER A 77 22.42 -14.59 1.60
N ALA A 78 22.35 -13.58 2.46
CA ALA A 78 22.31 -12.20 1.98
C ALA A 78 23.60 -11.82 1.26
N GLU A 79 24.74 -12.32 1.74
CA GLU A 79 26.03 -11.91 1.16
C GLU A 79 26.19 -12.44 -0.26
N GLU A 80 25.86 -13.71 -0.47
CA GLU A 80 26.01 -14.27 -1.81
C GLU A 80 25.01 -13.67 -2.78
N LEU A 81 23.87 -13.18 -2.28
CA LEU A 81 22.93 -12.48 -3.15
C LEU A 81 23.40 -11.06 -3.45
N ALA A 82 23.92 -10.36 -2.45
CA ALA A 82 24.45 -9.02 -2.70
C ALA A 82 25.57 -9.04 -3.72
N ASP A 83 26.45 -10.04 -3.63
CA ASP A 83 27.62 -10.09 -4.50
C ASP A 83 27.26 -10.50 -5.92
N HIS A 84 26.37 -11.49 -6.08
CA HIS A 84 26.02 -11.91 -7.43
C HIS A 84 25.18 -10.89 -8.19
N LEU A 85 24.50 -9.98 -7.48
CA LEU A 85 23.62 -9.01 -8.13
C LEU A 85 24.20 -7.60 -8.16
N GLY A 86 25.31 -7.35 -7.50
CA GLY A 86 25.92 -6.03 -7.57
C GLY A 86 25.31 -5.02 -6.63
N CYS A 87 24.89 -5.45 -5.45
CA CYS A 87 24.26 -4.59 -4.47
C CYS A 87 25.09 -4.58 -3.19
N GLY A 88 25.13 -3.42 -2.54
CA GLY A 88 25.79 -3.28 -1.25
C GLY A 88 25.35 -4.35 -0.28
N ARG A 89 26.29 -4.83 0.55
CA ARG A 89 25.99 -5.97 1.40
C ARG A 89 24.96 -5.61 2.47
N GLU A 90 25.08 -4.44 3.08
CA GLU A 90 24.13 -4.04 4.13
C GLU A 90 22.78 -3.69 3.53
N LEU A 91 22.77 -3.01 2.39
CA LEU A 91 21.50 -2.70 1.73
C LEU A 91 20.75 -3.98 1.37
N MET A 92 21.44 -4.98 0.83
CA MET A 92 20.76 -6.22 0.45
C MET A 92 20.16 -6.91 1.67
N SER A 93 20.92 -6.98 2.76
CA SER A 93 20.42 -7.57 4.00
C SER A 93 19.10 -6.93 4.43
N ARG A 94 19.05 -5.60 4.39
CA ARG A 94 17.86 -4.89 4.86
C ARG A 94 16.68 -5.10 3.92
N LEU A 95 16.91 -5.01 2.60
CA LEU A 95 15.85 -5.28 1.64
C LEU A 95 15.27 -6.67 1.85
N LEU A 96 16.14 -7.65 2.07
CA LEU A 96 15.69 -9.04 2.21
C LEU A 96 14.89 -9.24 3.49
N ARG A 97 15.33 -8.62 4.59
CA ARG A 97 14.57 -8.72 5.84
C ARG A 97 13.18 -8.12 5.66
N TYR A 98 13.09 -6.98 4.98
CA TYR A 98 11.77 -6.42 4.69
C TYR A 98 10.99 -7.33 3.76
N MET A 99 11.64 -7.83 2.70
CA MET A 99 10.94 -8.70 1.75
C MET A 99 10.42 -9.95 2.44
N ALA A 100 11.23 -10.57 3.29
CA ALA A 100 10.78 -11.77 3.99
C ALA A 100 9.59 -11.48 4.89
N SER A 101 9.53 -10.28 5.47
CA SER A 101 8.47 -9.96 6.42
C SER A 101 7.12 -9.75 5.74
N VAL A 102 7.11 -9.45 4.44
CA VAL A 102 5.88 -9.40 3.66
C VAL A 102 5.83 -10.54 2.66
N ARG A 103 6.59 -11.61 2.91
CA ARG A 103 6.61 -12.84 2.12
C ARG A 103 7.00 -12.60 0.66
N MET A 104 7.69 -11.48 0.38
CA MET A 104 8.22 -11.29 -0.97
C MET A 104 9.32 -12.31 -1.25
N VAL A 105 10.05 -12.71 -0.20
CA VAL A 105 10.90 -13.90 -0.19
C VAL A 105 10.58 -14.67 1.08
N GLN A 106 11.14 -15.87 1.20
CA GLN A 106 11.05 -16.65 2.43
C GLN A 106 12.43 -16.69 3.09
N GLN A 107 12.45 -16.44 4.40
CA GLN A 107 13.67 -16.48 5.20
C GLN A 107 13.74 -17.80 5.97
N THR A 108 14.91 -18.46 5.94
CA THR A 108 15.10 -19.73 6.60
C THR A 108 15.53 -19.54 8.06
N ASP A 109 15.67 -20.66 8.78
CA ASP A 109 16.07 -20.61 10.18
C ASP A 109 17.52 -20.17 10.35
N ASP A 110 18.37 -20.39 9.35
CA ASP A 110 19.75 -19.93 9.39
C ASP A 110 19.95 -18.63 8.63
N ILE A 111 18.89 -17.83 8.53
CA ILE A 111 18.88 -16.51 7.90
C ILE A 111 19.43 -16.59 6.47
N LYS A 112 18.93 -17.56 5.71
CA LYS A 112 19.09 -17.62 4.28
C LYS A 112 17.72 -17.38 3.63
N TYR A 113 17.69 -17.33 2.30
CA TYR A 113 16.51 -16.86 1.59
C TYR A 113 16.23 -17.74 0.38
N ILE A 114 15.01 -18.29 0.33
CA ILE A 114 14.53 -19.04 -0.82
C ILE A 114 13.34 -18.28 -1.41
N SER A 115 12.90 -18.75 -2.58
CA SER A 115 11.74 -18.15 -3.23
C SER A 115 10.46 -18.51 -2.51
N SER A 116 9.51 -17.59 -2.54
CA SER A 116 8.13 -17.84 -2.15
C SER A 116 7.26 -17.79 -3.41
N ASN A 117 5.96 -18.00 -3.23
CA ASN A 117 5.03 -17.85 -4.35
C ASN A 117 5.14 -16.45 -4.96
N ILE A 118 5.35 -15.43 -4.13
CA ILE A 118 5.45 -14.06 -4.62
C ILE A 118 6.74 -13.85 -5.39
N THR A 119 7.83 -14.46 -4.93
CA THR A 119 9.09 -14.38 -5.68
C THR A 119 8.93 -14.92 -7.09
N GLN A 120 8.27 -16.08 -7.21
CA GLN A 120 8.01 -16.66 -8.53
C GLN A 120 7.12 -15.74 -9.35
N THR A 121 6.09 -15.17 -8.71
CA THR A 121 5.22 -14.24 -9.40
C THR A 121 6.02 -13.07 -9.97
N LEU A 122 6.81 -12.40 -9.13
CA LEU A 122 7.60 -11.26 -9.58
C LEU A 122 8.66 -11.64 -10.60
N ALA A 123 8.94 -12.92 -10.78
CA ALA A 123 9.87 -13.34 -11.82
C ALA A 123 9.20 -13.47 -13.19
N VAL A 124 7.88 -13.67 -13.23
CA VAL A 124 7.15 -13.79 -14.49
C VAL A 124 7.15 -12.43 -15.18
N PRO A 125 7.67 -12.35 -16.41
CA PRO A 125 7.85 -11.01 -17.04
C PRO A 125 6.56 -10.20 -17.14
N GLY A 126 5.45 -10.83 -17.57
CA GLY A 126 4.20 -10.11 -17.67
C GLY A 126 3.71 -9.57 -16.34
N LEU A 127 3.96 -10.30 -15.25
CA LEU A 127 3.50 -9.85 -13.94
C LEU A 127 4.45 -8.81 -13.35
N GLU A 128 5.77 -9.08 -13.42
CA GLU A 128 6.76 -8.05 -13.10
C GLU A 128 6.44 -6.73 -13.80
N ALA A 129 6.04 -6.80 -15.08
CA ALA A 129 5.71 -5.57 -15.79
C ALA A 129 4.50 -4.87 -15.17
N GLY A 130 3.57 -5.62 -14.57
CA GLY A 130 2.44 -4.98 -13.91
C GLY A 130 2.87 -4.22 -12.67
N MET A 131 3.79 -4.79 -11.90
CA MET A 131 4.33 -4.11 -10.73
C MET A 131 5.12 -2.87 -11.13
N ARG A 132 5.93 -2.97 -12.19
CA ARG A 132 6.69 -1.81 -12.66
C ARG A 132 5.76 -0.72 -13.18
N HIS A 133 4.74 -1.12 -13.93
CA HIS A 133 3.68 -0.18 -14.33
C HIS A 133 3.13 0.57 -13.12
N ALA A 134 2.81 -0.16 -12.06
CA ALA A 134 2.21 0.48 -10.89
C ALA A 134 3.15 1.50 -10.29
N PHE A 135 4.45 1.18 -10.23
CA PHE A 135 5.43 2.11 -9.67
C PHE A 135 5.60 3.36 -10.55
N GLU A 136 5.86 3.16 -11.84
CA GLU A 136 6.28 4.29 -12.66
C GLU A 136 5.13 5.07 -13.28
N ASN A 137 3.95 4.47 -13.39
CA ASN A 137 2.82 5.17 -14.01
C ASN A 137 1.67 5.44 -13.05
N LEU A 138 1.36 4.50 -12.15
CA LEU A 138 0.23 4.68 -11.25
C LEU A 138 0.57 5.60 -10.08
N TRP A 139 1.70 5.34 -9.41
CA TRP A 139 2.09 6.09 -8.23
C TRP A 139 2.13 7.60 -8.46
N PRO A 140 2.83 8.12 -9.48
CA PRO A 140 2.85 9.58 -9.66
C PRO A 140 1.46 10.17 -9.78
N VAL A 141 0.55 9.47 -10.44
CA VAL A 141 -0.80 10.02 -10.62
C VAL A 141 -1.59 9.96 -9.32
N LEU A 142 -1.40 8.90 -8.53
CA LEU A 142 -2.07 8.84 -7.23
C LEU A 142 -1.50 9.89 -6.29
N MET A 143 -0.18 10.11 -6.37
CA MET A 143 0.45 11.14 -5.53
CA MET A 143 0.45 11.13 -5.55
C MET A 143 -0.08 12.52 -5.87
N ALA A 144 -0.44 12.77 -7.13
CA ALA A 144 -0.90 14.08 -7.56
C ALA A 144 -2.41 14.27 -7.37
N LEU A 145 -3.18 13.20 -7.24
CA LEU A 145 -4.63 13.32 -7.19
C LEU A 145 -5.14 14.21 -6.05
N PRO A 146 -4.66 14.09 -4.81
CA PRO A 146 -5.28 14.90 -3.74
C PRO A 146 -5.10 16.39 -3.91
N ASP A 147 -3.92 16.84 -4.33
CA ASP A 147 -3.76 18.28 -4.57
C ASP A 147 -4.47 18.71 -5.84
N PHE A 148 -4.53 17.85 -6.86
CA PHE A 148 -5.29 18.17 -8.06
C PHE A 148 -6.75 18.42 -7.72
N LEU A 149 -7.38 17.49 -6.98
CA LEU A 149 -8.79 17.65 -6.64
C LEU A 149 -9.01 18.88 -5.78
N ALA A 150 -8.09 19.18 -4.87
CA ALA A 150 -8.25 20.33 -3.99
C ALA A 150 -8.17 21.64 -4.78
N GLU A 151 -7.21 21.74 -5.71
CA GLU A 151 -7.10 22.95 -6.52
C GLU A 151 -8.33 23.17 -7.38
N ARG A 152 -8.93 22.08 -7.90
CA ARG A 152 -10.10 22.19 -8.75
C ARG A 152 -11.41 22.20 -7.95
N LYS A 153 -11.35 22.26 -6.63
CA LYS A 153 -12.52 22.17 -5.76
C LYS A 153 -13.37 20.93 -6.09
N TYR A 154 -12.69 19.80 -6.21
CA TYR A 154 -13.29 18.47 -6.20
C TYR A 154 -14.33 18.28 -7.30
N PRO A 155 -13.94 18.34 -8.57
CA PRO A 155 -14.89 18.13 -9.66
C PRO A 155 -15.09 16.64 -9.94
N ASP A 156 -16.12 16.37 -10.74
CA ASP A 156 -16.36 15.04 -11.29
C ASP A 156 -15.52 14.89 -12.55
N ILE A 157 -14.44 14.10 -12.47
CA ILE A 157 -13.53 13.95 -13.60
C ILE A 157 -14.22 13.18 -14.71
N VAL A 158 -14.31 13.79 -15.90
CA VAL A 158 -14.96 13.18 -17.05
C VAL A 158 -14.15 13.40 -18.33
N ASP A 159 -12.95 13.96 -18.21
CA ASP A 159 -12.14 14.33 -19.37
C ASP A 159 -10.76 13.70 -19.21
N ALA A 160 -10.37 12.91 -20.21
CA ALA A 160 -9.07 12.25 -20.17
C ALA A 160 -7.92 13.23 -20.30
N LYS A 161 -8.16 14.43 -20.82
CA LYS A 161 -7.15 15.47 -20.92
C LYS A 161 -7.20 16.46 -19.77
N ASP A 162 -8.05 16.23 -18.76
CA ASP A 162 -8.12 17.10 -17.58
C ASP A 162 -8.32 16.23 -16.33
N THR A 163 -7.22 15.61 -15.89
CA THR A 163 -7.28 14.75 -14.71
C THR A 163 -5.95 14.87 -13.97
N ALA A 164 -5.70 13.96 -13.01
CA ALA A 164 -4.48 14.08 -12.23
C ALA A 164 -3.25 13.75 -13.05
N PHE A 165 -3.41 12.94 -14.10
CA PHE A 165 -2.29 12.54 -14.93
C PHE A 165 -1.56 13.74 -15.51
N GLN A 166 -2.31 14.75 -15.96
CA GLN A 166 -1.68 15.91 -16.57
C GLN A 166 -0.82 16.67 -15.56
N LYS A 167 -1.27 16.73 -14.31
CA LYS A 167 -0.48 17.39 -13.28
CA LYS A 167 -0.49 17.39 -13.27
C LYS A 167 0.72 16.53 -12.88
N ALA A 168 0.53 15.22 -12.78
CA ALA A 168 1.61 14.33 -12.33
C ALA A 168 2.78 14.29 -13.30
N PHE A 169 2.52 14.43 -14.60
CA PHE A 169 3.59 14.34 -15.57
C PHE A 169 3.81 15.63 -16.35
N ASN A 170 3.19 16.72 -15.91
CA ASN A 170 3.45 18.05 -16.48
C ASN A 170 3.30 18.03 -18.00
N THR A 171 2.10 17.70 -18.44
CA THR A 171 1.81 17.61 -19.87
C THR A 171 0.33 17.94 -20.09
N ASP A 172 -0.01 18.24 -21.33
CA ASP A 172 -1.39 18.50 -21.70
C ASP A 172 -1.97 17.39 -22.55
N GLN A 173 -1.16 16.40 -22.94
CA GLN A 173 -1.64 15.24 -23.67
C GLN A 173 -2.37 14.29 -22.72
N ASP A 174 -3.27 13.48 -23.30
CA ASP A 174 -3.83 12.41 -22.51
C ASP A 174 -2.78 11.30 -22.33
N CYS A 175 -3.11 10.36 -21.46
CA CYS A 175 -2.15 9.31 -21.10
C CYS A 175 -1.70 8.51 -22.33
N PHE A 176 -2.65 8.18 -23.20
CA PHE A 176 -2.31 7.31 -24.32
C PHE A 176 -1.30 7.97 -25.26
N HIS A 177 -1.58 9.20 -25.67
CA HIS A 177 -0.66 9.89 -26.58
C HIS A 177 0.67 10.18 -25.89
N TRP A 178 0.64 10.58 -24.62
CA TRP A 178 1.88 10.86 -23.90
C TRP A 178 2.75 9.64 -23.80
N LEU A 179 2.14 8.47 -23.63
CA LEU A 179 2.90 7.24 -23.48
C LEU A 179 3.73 6.93 -24.74
N ALA A 180 3.25 7.35 -25.91
CA ALA A 180 3.96 7.02 -27.14
C ALA A 180 5.28 7.77 -27.25
N THR A 181 5.40 8.91 -26.59
CA THR A 181 6.63 9.69 -26.60
C THR A 181 7.61 9.26 -25.52
N GLN A 182 7.36 8.15 -24.85
CA GLN A 182 8.22 7.67 -23.76
C GLN A 182 8.69 6.25 -24.07
N PRO A 183 9.96 6.04 -24.44
CA PRO A 183 10.35 4.72 -24.96
C PRO A 183 10.46 3.65 -23.90
N THR A 184 10.98 3.98 -22.72
CA THR A 184 11.11 2.96 -21.67
C THR A 184 9.76 2.52 -21.14
N ARG A 185 8.78 3.43 -21.11
CA ARG A 185 7.44 3.06 -20.66
C ARG A 185 6.74 2.18 -21.70
N ILE A 186 6.96 2.46 -22.99
CA ILE A 186 6.37 1.60 -24.02
C ILE A 186 6.92 0.19 -23.92
N ALA A 187 8.22 0.06 -23.65
CA ALA A 187 8.83 -1.27 -23.55
C ALA A 187 8.19 -2.09 -22.43
N ASN A 188 7.93 -1.47 -21.29
CA ASN A 188 7.27 -2.19 -20.20
C ASN A 188 5.81 -2.48 -20.56
N PHE A 189 5.14 -1.53 -21.22
CA PHE A 189 3.76 -1.75 -21.66
C PHE A 189 3.69 -2.91 -22.64
N LYS A 190 4.71 -3.08 -23.49
CA LYS A 190 4.68 -4.17 -24.45
C LYS A 190 4.75 -5.53 -23.74
N VAL A 191 5.53 -5.60 -22.65
CA VAL A 191 5.60 -6.85 -21.91
C VAL A 191 4.30 -7.09 -21.17
N LEU A 192 3.65 -6.03 -20.69
CA LEU A 192 2.39 -6.17 -19.99
C LEU A 192 1.34 -6.86 -20.86
N LEU A 193 1.34 -6.57 -22.17
CA LEU A 193 0.37 -7.17 -23.07
C LEU A 193 0.52 -8.68 -23.21
N THR A 194 1.70 -9.23 -22.94
CA THR A 194 1.93 -10.67 -23.04
C THR A 194 1.36 -11.45 -21.84
N ASP A 195 0.97 -10.77 -20.77
CA ASP A 195 0.34 -11.44 -19.64
C ASP A 195 -1.11 -11.78 -19.98
N GLU A 196 -1.46 -13.05 -19.89
CA GLU A 196 -2.83 -13.48 -20.15
C GLU A 196 -3.55 -13.73 -18.83
N ARG A 197 -4.70 -13.09 -18.66
CA ARG A 197 -5.50 -13.33 -17.47
C ARG A 197 -6.21 -14.68 -17.57
N THR A 198 -6.36 -15.33 -16.41
CA THR A 198 -7.15 -16.55 -16.32
C THR A 198 -8.04 -16.41 -15.09
N PRO A 199 -9.28 -16.91 -15.14
CA PRO A 199 -9.89 -17.51 -16.34
C PRO A 199 -10.36 -16.45 -17.32
N ASN A 200 -10.86 -16.89 -18.47
CA ASN A 200 -11.39 -15.98 -19.47
C ASN A 200 -12.86 -16.29 -19.70
N PHE A 201 -13.52 -15.41 -20.46
CA PHE A 201 -14.96 -15.51 -20.70
C PHE A 201 -15.38 -16.84 -21.33
N LEU A 202 -14.46 -17.55 -21.99
CA LEU A 202 -14.87 -18.81 -22.62
C LEU A 202 -15.18 -19.91 -21.61
N SER A 203 -14.88 -19.69 -20.33
CA SER A 203 -15.21 -20.70 -19.33
C SER A 203 -16.70 -20.75 -19.05
N THR A 204 -17.45 -19.69 -19.33
CA THR A 204 -18.90 -19.68 -19.10
C THR A 204 -19.72 -19.18 -20.27
N PHE A 205 -19.10 -18.61 -21.29
CA PHE A 205 -19.86 -18.06 -22.39
C PHE A 205 -20.49 -19.19 -23.20
N PRO A 206 -21.82 -19.23 -23.35
CA PRO A 206 -22.46 -20.31 -24.14
C PRO A 206 -22.49 -19.97 -25.62
N LEU A 207 -21.36 -20.19 -26.27
CA LEU A 207 -21.19 -19.72 -27.65
C LEU A 207 -22.22 -20.34 -28.59
N GLU A 208 -22.45 -21.65 -28.47
CA GLU A 208 -23.40 -22.32 -29.35
C GLU A 208 -24.82 -21.78 -29.16
N LYS A 209 -25.18 -21.45 -27.92
CA LYS A 209 -26.48 -20.84 -27.66
C LYS A 209 -26.54 -19.42 -28.24
N GLU A 210 -25.49 -18.64 -28.06
CA GLU A 210 -25.49 -17.29 -28.59
C GLU A 210 -25.38 -17.29 -30.10
N LEU A 211 -24.76 -18.32 -30.67
CA LEU A 211 -24.68 -18.44 -32.11
C LEU A 211 -26.07 -18.57 -32.73
N GLY A 212 -26.94 -19.39 -32.13
CA GLY A 212 -28.23 -19.65 -32.73
C GLY A 212 -28.05 -20.35 -34.07
N SER A 213 -28.79 -19.87 -35.08
CA SER A 213 -28.70 -20.41 -36.42
C SER A 213 -27.90 -19.52 -37.35
N TRP A 214 -27.13 -18.57 -36.80
CA TRP A 214 -26.27 -17.72 -37.61
C TRP A 214 -25.39 -18.57 -38.53
N SER A 215 -25.25 -18.11 -39.76
CA SER A 215 -24.50 -18.83 -40.78
C SER A 215 -23.22 -18.07 -41.11
N ALA A 216 -22.10 -18.79 -41.07
CA ALA A 216 -20.83 -18.22 -41.48
C ALA A 216 -20.68 -18.14 -43.00
N GLU A 217 -21.53 -18.84 -43.74
CA GLU A 217 -21.45 -18.82 -45.20
C GLU A 217 -21.99 -17.50 -45.72
N PRO A 218 -21.39 -16.91 -46.76
CA PRO A 218 -20.18 -17.37 -47.49
C PRO A 218 -18.89 -17.35 -46.66
N GLU A 219 -18.45 -16.15 -46.25
CA GLU A 219 -17.21 -15.99 -45.49
C GLU A 219 -17.38 -14.90 -44.42
N LYS A 220 -18.45 -15.01 -43.63
CA LYS A 220 -18.69 -14.03 -42.59
C LYS A 220 -17.69 -14.20 -41.45
N ALA A 221 -17.57 -13.15 -40.64
CA ALA A 221 -16.67 -13.16 -39.49
C ALA A 221 -17.41 -13.66 -38.27
N LEU A 222 -16.80 -14.64 -37.59
CA LEU A 222 -17.39 -15.15 -36.36
C LEU A 222 -17.02 -14.26 -35.17
N PHE A 223 -15.78 -13.78 -35.14
CA PHE A 223 -15.24 -13.14 -33.95
C PHE A 223 -14.30 -12.04 -34.41
N VAL A 224 -14.62 -10.79 -34.05
CA VAL A 224 -13.79 -9.64 -34.35
C VAL A 224 -13.29 -9.08 -33.02
N ASP A 225 -11.99 -9.25 -32.76
CA ASP A 225 -11.42 -8.89 -31.47
C ASP A 225 -10.84 -7.47 -31.57
N ILE A 226 -11.61 -6.50 -31.11
CA ILE A 226 -11.31 -5.08 -31.32
C ILE A 226 -10.40 -4.59 -30.21
N GLY A 227 -9.17 -4.22 -30.56
CA GLY A 227 -8.17 -3.92 -29.55
C GLY A 227 -7.70 -5.17 -28.83
N GLY A 228 -7.61 -6.30 -29.57
CA GLY A 228 -7.30 -7.59 -28.96
C GLY A 228 -5.88 -7.81 -28.53
N GLY A 229 -4.99 -6.83 -28.74
CA GLY A 229 -3.65 -6.95 -28.18
C GLY A 229 -2.92 -8.11 -28.84
N MET A 230 -2.39 -9.02 -28.02
CA MET A 230 -1.71 -10.20 -28.54
C MET A 230 -2.66 -11.22 -29.15
N GLY A 231 -3.98 -10.98 -29.13
CA GLY A 231 -4.92 -11.93 -29.66
C GLY A 231 -5.21 -13.11 -28.76
N HIS A 232 -5.04 -12.98 -27.45
CA HIS A 232 -5.26 -14.11 -26.55
C HIS A 232 -6.69 -14.62 -26.64
N ALA A 233 -7.67 -13.71 -26.72
CA ALA A 233 -9.06 -14.14 -26.87
C ALA A 233 -9.25 -14.92 -28.16
N CYS A 234 -8.66 -14.46 -29.27
CA CYS A 234 -8.73 -15.17 -30.54
C CYS A 234 -8.14 -16.57 -30.43
N ILE A 235 -6.95 -16.68 -29.84
CA ILE A 235 -6.30 -17.97 -29.70
C ILE A 235 -7.15 -18.91 -28.86
N ARG A 236 -7.65 -18.43 -27.72
CA ARG A 236 -8.45 -19.30 -26.86
C ARG A 236 -9.74 -19.74 -27.52
N LEU A 237 -10.31 -18.90 -28.40
CA LEU A 237 -11.58 -19.25 -29.03
C LEU A 237 -11.38 -20.38 -30.04
N ARG A 238 -10.36 -20.25 -30.88
CA ARG A 238 -10.03 -21.33 -31.81
C ARG A 238 -9.67 -22.60 -31.06
N GLU A 239 -9.03 -22.48 -29.90
CA GLU A 239 -8.67 -23.68 -29.14
C GLU A 239 -9.90 -24.38 -28.61
N LYS A 240 -10.84 -23.62 -28.06
CA LYS A 240 -12.03 -24.23 -27.47
C LYS A 240 -13.05 -24.64 -28.52
N TYR A 241 -13.17 -23.90 -29.62
CA TYR A 241 -14.14 -24.19 -30.67
C TYR A 241 -13.44 -24.34 -32.01
N PRO A 242 -12.60 -25.36 -32.16
CA PRO A 242 -11.81 -25.49 -33.40
C PRO A 242 -12.64 -25.83 -34.62
N ASN A 243 -13.89 -26.26 -34.46
CA ASN A 243 -14.72 -26.65 -35.58
C ASN A 243 -15.75 -25.60 -35.98
N GLN A 244 -15.93 -24.56 -35.17
CA GLN A 244 -16.94 -23.56 -35.50
C GLN A 244 -16.47 -22.73 -36.70
N PRO A 245 -17.28 -22.60 -37.74
CA PRO A 245 -16.84 -21.86 -38.93
C PRO A 245 -17.03 -20.36 -38.79
N GLY A 246 -16.22 -19.61 -39.52
CA GLY A 246 -16.28 -18.16 -39.51
C GLY A 246 -14.88 -17.58 -39.33
N ARG A 247 -14.68 -16.38 -39.86
CA ARG A 247 -13.41 -15.72 -39.68
C ARG A 247 -13.25 -15.29 -38.22
N VAL A 248 -12.03 -15.47 -37.71
CA VAL A 248 -11.59 -14.94 -36.43
C VAL A 248 -10.53 -13.90 -36.73
N ILE A 249 -10.80 -12.65 -36.35
CA ILE A 249 -10.04 -11.50 -36.81
C ILE A 249 -9.54 -10.73 -35.59
N LEU A 250 -8.22 -10.53 -35.51
CA LEU A 250 -7.61 -9.70 -34.49
C LEU A 250 -7.44 -8.29 -35.04
N GLN A 251 -7.97 -7.30 -34.33
CA GLN A 251 -7.86 -5.90 -34.73
C GLN A 251 -7.11 -5.12 -33.67
N ASP A 252 -6.05 -4.44 -34.08
CA ASP A 252 -5.30 -3.57 -33.19
C ASP A 252 -4.42 -2.65 -34.04
N LEU A 253 -3.57 -1.86 -33.39
CA LEU A 253 -2.68 -0.96 -34.11
C LEU A 253 -1.48 -1.72 -34.68
N PRO A 254 -0.96 -1.29 -35.84
CA PRO A 254 0.11 -2.05 -36.52
C PRO A 254 1.29 -2.40 -35.61
N PRO A 255 1.73 -1.50 -34.72
CA PRO A 255 2.85 -1.90 -33.84
C PRO A 255 2.58 -3.13 -33.00
N VAL A 256 1.37 -3.32 -32.48
CA VAL A 256 1.17 -4.48 -31.63
C VAL A 256 0.79 -5.72 -32.44
N LEU A 257 0.21 -5.55 -33.64
CA LEU A 257 -0.02 -6.72 -34.50
C LEU A 257 1.30 -7.38 -34.88
N GLN A 258 2.33 -6.57 -35.20
CA GLN A 258 3.65 -7.12 -35.49
C GLN A 258 4.18 -7.93 -34.33
N ALA A 259 4.10 -7.37 -33.11
CA ALA A 259 4.55 -8.11 -31.94
C ALA A 259 3.74 -9.38 -31.74
N ALA A 260 2.44 -9.36 -32.06
CA ALA A 260 1.60 -10.51 -31.84
C ALA A 260 1.92 -11.66 -32.80
N GLN A 261 2.67 -11.40 -33.87
CA GLN A 261 3.01 -12.46 -34.81
C GLN A 261 3.92 -13.51 -34.17
N ALA A 262 4.70 -13.12 -33.16
CA ALA A 262 5.58 -14.07 -32.48
C ALA A 262 4.81 -15.23 -31.88
N THR A 263 3.59 -15.00 -31.39
CA THR A 263 2.83 -16.02 -30.70
C THR A 263 1.51 -16.36 -31.38
N LEU A 264 1.30 -15.91 -32.66
CA LEU A 264 0.03 -16.33 -33.23
C LEU A 264 0.16 -17.68 -33.91
N PRO A 265 -0.93 -18.45 -33.96
CA PRO A 265 -0.93 -19.68 -34.75
C PRO A 265 -0.70 -19.38 -36.22
N LEU A 266 -0.11 -20.34 -36.93
CA LEU A 266 0.28 -20.13 -38.31
C LEU A 266 -0.91 -19.83 -39.21
N SER A 267 -2.11 -20.28 -38.81
CA SER A 267 -3.33 -19.96 -39.54
C SER A 267 -4.50 -19.90 -38.57
N GLY A 268 -5.65 -19.54 -39.10
CA GLY A 268 -6.87 -19.48 -38.34
C GLY A 268 -7.30 -18.06 -38.01
N ILE A 269 -6.34 -17.24 -37.58
CA ILE A 269 -6.61 -15.92 -37.03
C ILE A 269 -6.04 -14.87 -37.96
N GLU A 270 -6.91 -14.01 -38.50
CA GLU A 270 -6.47 -12.89 -39.32
C GLU A 270 -6.00 -11.73 -38.44
N SER A 271 -5.05 -10.97 -38.96
CA SER A 271 -4.56 -9.75 -38.32
C SER A 271 -4.94 -8.56 -39.20
N MET A 272 -5.80 -7.70 -38.68
CA MET A 272 -6.33 -6.59 -39.45
C MET A 272 -6.02 -5.28 -38.74
N PRO A 273 -5.12 -4.45 -39.26
CA PRO A 273 -4.88 -3.15 -38.62
C PRO A 273 -6.17 -2.35 -38.56
N HIS A 274 -6.40 -1.72 -37.40
CA HIS A 274 -7.62 -0.95 -37.24
C HIS A 274 -7.55 -0.10 -35.98
N ASN A 275 -7.89 1.18 -36.14
CA ASN A 275 -8.05 2.11 -35.02
C ASN A 275 -9.53 2.14 -34.66
N PHE A 276 -9.88 1.70 -33.44
CA PHE A 276 -11.31 1.57 -33.17
C PHE A 276 -12.00 2.91 -32.94
N HIS A 277 -11.32 4.04 -33.13
CA HIS A 277 -12.01 5.31 -33.24
C HIS A 277 -12.51 5.59 -34.65
N THR A 278 -12.35 4.65 -35.58
CA THR A 278 -12.83 4.78 -36.95
C THR A 278 -13.88 3.72 -37.22
N PRO A 279 -14.69 3.89 -38.27
CA PRO A 279 -15.75 2.91 -38.55
C PRO A 279 -15.23 1.48 -38.67
N GLN A 280 -15.97 0.56 -38.10
CA GLN A 280 -15.66 -0.85 -38.17
C GLN A 280 -15.74 -1.32 -39.62
N PRO A 281 -14.66 -1.89 -40.20
CA PRO A 281 -14.74 -2.37 -41.58
C PRO A 281 -15.48 -3.70 -41.75
N VAL A 282 -15.36 -4.60 -40.78
CA VAL A 282 -15.94 -5.94 -40.93
C VAL A 282 -17.45 -5.87 -40.76
N GLN A 283 -18.20 -6.30 -41.78
CA GLN A 283 -19.65 -6.20 -41.81
C GLN A 283 -20.29 -7.52 -41.40
N GLY A 284 -21.44 -7.43 -40.73
CA GLY A 284 -22.24 -8.59 -40.42
C GLY A 284 -21.58 -9.65 -39.55
N ALA A 285 -20.53 -9.29 -38.83
CA ALA A 285 -19.89 -10.30 -37.98
C ALA A 285 -20.83 -10.75 -36.89
N LYS A 286 -20.65 -11.98 -36.42
CA LYS A 286 -21.49 -12.47 -35.33
C LYS A 286 -21.15 -11.75 -34.02
N PHE A 287 -19.86 -11.74 -33.65
CA PHE A 287 -19.42 -11.18 -32.36
C PHE A 287 -18.35 -10.11 -32.58
N TYR A 288 -18.67 -8.87 -32.18
CA TYR A 288 -17.68 -7.80 -32.04
C TYR A 288 -17.29 -7.72 -30.57
N PHE A 289 -16.03 -8.02 -30.27
CA PHE A 289 -15.58 -8.31 -28.92
C PHE A 289 -14.68 -7.20 -28.43
N LEU A 290 -15.02 -6.61 -27.27
CA LEU A 290 -14.24 -5.56 -26.62
C LEU A 290 -13.92 -6.01 -25.19
N ARG A 291 -12.71 -6.49 -24.96
CA ARG A 291 -12.29 -6.91 -23.64
C ARG A 291 -11.40 -5.83 -23.03
N LEU A 292 -11.81 -5.30 -21.87
CA LEU A 292 -11.05 -4.30 -21.13
C LEU A 292 -10.65 -3.13 -22.04
N ILE A 293 -11.58 -2.69 -22.89
CA ILE A 293 -11.30 -1.56 -23.76
C ILE A 293 -12.05 -0.34 -23.23
N LEU A 294 -13.37 -0.48 -23.11
CA LEU A 294 -14.22 0.66 -22.77
C LEU A 294 -13.95 1.19 -21.36
N ARG A 295 -13.55 0.34 -20.42
CA ARG A 295 -13.17 0.83 -19.08
C ARG A 295 -12.13 1.94 -19.14
N ASP A 296 -11.33 2.00 -20.21
CA ASP A 296 -10.22 2.94 -20.29
C ASP A 296 -10.63 4.30 -20.85
N PHE A 297 -11.92 4.54 -21.09
CA PHE A 297 -12.39 5.78 -21.71
C PHE A 297 -13.59 6.36 -20.97
N PRO A 298 -13.67 7.68 -20.85
CA PRO A 298 -14.88 8.29 -20.29
C PRO A 298 -16.08 8.04 -21.19
N ASP A 299 -17.27 8.24 -20.62
CA ASP A 299 -18.51 7.87 -21.28
C ASP A 299 -18.59 8.40 -22.71
N HIS A 300 -18.12 9.63 -22.95
CA HIS A 300 -18.32 10.23 -24.26
C HIS A 300 -17.43 9.61 -25.32
N GLN A 301 -16.23 9.16 -24.96
CA GLN A 301 -15.40 8.48 -25.94
C GLN A 301 -15.75 7.01 -26.05
N ALA A 302 -16.15 6.38 -24.94
CA ALA A 302 -16.58 4.98 -24.99
C ALA A 302 -17.80 4.83 -25.89
N LEU A 303 -18.75 5.77 -25.80
CA LEU A 303 -19.88 5.78 -26.71
C LEU A 303 -19.42 5.89 -28.16
N GLU A 304 -18.45 6.76 -28.42
CA GLU A 304 -17.96 6.93 -29.79
C GLU A 304 -17.37 5.63 -30.33
N ILE A 305 -16.71 4.84 -29.48
CA ILE A 305 -16.17 3.56 -29.93
C ILE A 305 -17.30 2.63 -30.34
N LEU A 306 -18.40 2.62 -29.58
CA LEU A 306 -19.53 1.76 -29.91
C LEU A 306 -20.22 2.25 -31.18
N GLN A 307 -20.44 3.56 -31.30
CA GLN A 307 -21.12 4.11 -32.48
C GLN A 307 -20.38 3.80 -33.77
N ASN A 308 -19.06 3.56 -33.68
CA ASN A 308 -18.29 3.19 -34.85
C ASN A 308 -18.46 1.72 -35.23
N ILE A 309 -19.08 0.92 -34.36
CA ILE A 309 -19.33 -0.48 -34.65
C ILE A 309 -20.76 -0.71 -35.11
N VAL A 310 -21.70 0.02 -34.50
CA VAL A 310 -23.12 -0.16 -34.80
C VAL A 310 -23.42 -0.19 -36.30
N PRO A 311 -22.87 0.70 -37.15
CA PRO A 311 -23.26 0.68 -38.56
C PRO A 311 -22.90 -0.59 -39.30
N ALA A 312 -22.03 -1.43 -38.76
CA ALA A 312 -21.61 -2.65 -39.43
C ALA A 312 -22.41 -3.88 -39.02
N MET A 313 -23.38 -3.71 -38.11
CA MET A 313 -24.08 -4.84 -37.50
C MET A 313 -25.32 -5.24 -38.28
N ASP A 314 -25.47 -6.54 -38.50
CA ASP A 314 -26.73 -7.17 -38.89
C ASP A 314 -27.62 -7.34 -37.69
N ALA A 315 -28.83 -7.87 -37.92
CA ALA A 315 -29.71 -8.21 -36.80
C ALA A 315 -29.14 -9.35 -35.95
N GLU A 316 -28.32 -10.22 -36.56
CA GLU A 316 -27.70 -11.32 -35.82
C GLU A 316 -26.40 -10.92 -35.13
N SER A 317 -25.83 -9.77 -35.49
CA SER A 317 -24.58 -9.31 -34.90
C SER A 317 -24.76 -8.95 -33.44
N ARG A 318 -23.69 -9.15 -32.67
CA ARG A 318 -23.69 -8.80 -31.26
C ARG A 318 -22.38 -8.09 -30.94
N ILE A 319 -22.47 -7.11 -30.05
CA ILE A 319 -21.29 -6.49 -29.44
C ILE A 319 -21.11 -7.14 -28.08
N VAL A 320 -19.94 -7.74 -27.85
CA VAL A 320 -19.63 -8.41 -26.60
C VAL A 320 -18.64 -7.54 -25.85
N ILE A 321 -19.07 -6.96 -24.74
CA ILE A 321 -18.20 -6.19 -23.86
C ILE A 321 -17.75 -7.11 -22.74
N ASP A 322 -16.46 -7.42 -22.70
CA ASP A 322 -15.86 -8.23 -21.63
C ASP A 322 -15.10 -7.28 -20.73
N ASP A 323 -15.60 -7.04 -19.52
CA ASP A 323 -15.09 -5.96 -18.69
C ASP A 323 -15.61 -6.15 -17.26
N GLY A 324 -15.15 -5.27 -16.36
CA GLY A 324 -15.64 -5.33 -15.00
C GLY A 324 -17.09 -4.88 -14.91
N VAL A 325 -17.87 -5.60 -14.11
CA VAL A 325 -19.23 -5.19 -13.78
C VAL A 325 -19.35 -5.17 -12.26
N PRO A 326 -18.79 -4.19 -11.57
CA PRO A 326 -18.91 -4.16 -10.11
C PRO A 326 -20.35 -3.99 -9.69
N PRO A 327 -20.74 -4.54 -8.53
CA PRO A 327 -22.13 -4.41 -8.07
C PRO A 327 -22.39 -3.02 -7.52
N GLU A 328 -23.68 -2.72 -7.31
CA GLU A 328 -24.09 -1.41 -6.83
C GLU A 328 -23.78 -1.20 -5.36
N LYS A 329 -23.60 -2.28 -4.59
CA LYS A 329 -23.15 -2.18 -3.22
C LYS A 329 -22.24 -3.37 -2.94
N GLY A 330 -21.44 -3.27 -1.89
CA GLY A 330 -20.53 -4.35 -1.56
C GLY A 330 -19.43 -4.58 -2.58
N ALA A 331 -19.09 -3.57 -3.37
CA ALA A 331 -17.98 -3.68 -4.31
C ALA A 331 -16.65 -3.95 -3.59
N ARG A 332 -15.79 -4.77 -4.18
CA ARG A 332 -14.54 -5.15 -3.55
C ARG A 332 -13.40 -4.18 -3.91
N TRP A 333 -12.31 -4.27 -3.14
CA TRP A 333 -11.19 -3.34 -3.31
C TRP A 333 -10.56 -3.43 -4.69
N ALA A 334 -10.58 -4.63 -5.31
CA ALA A 334 -9.95 -4.78 -6.62
C ALA A 334 -10.76 -4.13 -7.73
N GLU A 335 -12.06 -3.88 -7.53
CA GLU A 335 -12.87 -3.22 -8.54
C GLU A 335 -13.23 -1.78 -8.18
N THR A 336 -12.90 -1.31 -6.98
CA THR A 336 -13.00 0.10 -6.68
C THR A 336 -11.65 0.81 -6.71
N GLY A 337 -10.59 0.12 -6.27
CA GLY A 337 -9.25 0.62 -6.49
C GLY A 337 -8.96 0.93 -7.94
N THR A 338 -9.27 -0.02 -8.84
CA THR A 338 -9.07 0.24 -10.26
C THR A 338 -9.84 1.47 -10.69
N ASP A 339 -11.07 1.62 -10.18
CA ASP A 339 -11.89 2.79 -10.52
C ASP A 339 -11.19 4.11 -10.15
N ILE A 340 -10.51 4.15 -9.00
CA ILE A 340 -9.83 5.38 -8.60
C ILE A 340 -8.62 5.62 -9.50
N CYS A 341 -7.91 4.55 -9.87
CA CYS A 341 -6.70 4.69 -10.67
C CYS A 341 -6.99 5.18 -12.08
N ILE A 342 -8.01 4.59 -12.73
CA ILE A 342 -8.32 4.99 -14.11
C ILE A 342 -8.98 6.36 -14.12
N MET A 343 -9.72 6.71 -13.07
CA MET A 343 -10.17 8.10 -12.92
C MET A 343 -8.98 9.05 -12.95
N SER A 344 -7.98 8.76 -12.12
CA SER A 344 -6.86 9.70 -11.96
C SER A 344 -5.99 9.75 -13.21
N ALA A 345 -5.87 8.63 -13.92
CA ALA A 345 -4.94 8.56 -15.04
C ALA A 345 -5.62 8.72 -16.40
N LEU A 346 -6.85 8.24 -16.56
CA LEU A 346 -7.49 8.17 -17.86
C LEU A 346 -8.81 8.94 -17.92
N GLY A 347 -9.29 9.46 -16.80
CA GLY A 347 -10.56 10.14 -16.76
C GLY A 347 -11.75 9.25 -16.93
N SER A 348 -11.59 7.94 -16.76
CA SER A 348 -12.63 6.97 -17.04
C SER A 348 -13.17 6.42 -15.73
N LYS A 349 -13.80 5.25 -15.78
CA LYS A 349 -14.51 4.77 -14.61
C LYS A 349 -14.81 3.28 -14.77
N GLU A 350 -14.93 2.58 -13.65
CA GLU A 350 -15.62 1.30 -13.66
C GLU A 350 -17.12 1.56 -13.80
N ARG A 351 -17.83 0.58 -14.34
CA ARG A 351 -19.25 0.74 -14.64
C ARG A 351 -20.02 -0.44 -14.08
N THR A 352 -21.05 -0.15 -13.29
CA THR A 352 -22.02 -1.18 -12.93
C THR A 352 -22.79 -1.61 -14.17
N GLN A 353 -23.52 -2.71 -14.04
CA GLN A 353 -24.38 -3.16 -15.13
C GLN A 353 -25.31 -2.05 -15.61
N ARG A 354 -25.90 -1.31 -14.67
CA ARG A 354 -26.79 -0.22 -15.04
C ARG A 354 -26.06 0.82 -15.88
N GLN A 355 -24.82 1.17 -15.48
CA GLN A 355 -24.08 2.17 -16.22
C GLN A 355 -23.66 1.65 -17.59
N TRP A 356 -23.45 0.33 -17.72
CA TRP A 356 -23.16 -0.24 -19.03
C TRP A 356 -24.37 -0.18 -19.94
N GLU A 357 -25.56 -0.50 -19.42
CA GLU A 357 -26.76 -0.44 -20.24
C GLU A 357 -27.07 1.00 -20.65
N GLU A 358 -26.95 1.95 -19.71
CA GLU A 358 -27.19 3.35 -20.02
C GLU A 358 -26.23 3.86 -21.09
N LEU A 359 -24.95 3.49 -21.00
CA LEU A 359 -24.00 3.84 -22.04
C LEU A 359 -24.38 3.20 -23.37
N ALA A 360 -24.78 1.92 -23.35
CA ALA A 360 -25.04 1.22 -24.60
C ALA A 360 -26.34 1.68 -25.26
N ALA A 361 -27.36 2.00 -24.46
CA ALA A 361 -28.60 2.52 -25.02
C ALA A 361 -28.37 3.78 -25.84
N LYS A 362 -27.37 4.60 -25.47
CA LYS A 362 -27.07 5.78 -26.26
C LYS A 362 -26.54 5.44 -27.65
N ALA A 363 -25.99 4.24 -27.84
CA ALA A 363 -25.55 3.82 -29.17
C ALA A 363 -26.60 2.98 -29.89
N GLY A 364 -27.80 2.84 -29.32
CA GLY A 364 -28.84 2.05 -29.93
C GLY A 364 -28.77 0.58 -29.62
N LEU A 365 -28.13 0.20 -28.52
CA LEU A 365 -27.89 -1.19 -28.17
C LEU A 365 -28.70 -1.59 -26.95
N GLN A 366 -28.97 -2.88 -26.85
CA GLN A 366 -29.81 -3.42 -25.78
C GLN A 366 -29.15 -4.68 -25.24
N LEU A 367 -29.15 -4.84 -23.92
CA LEU A 367 -28.47 -5.95 -23.29
C LEU A 367 -29.28 -7.23 -23.43
N GLN A 368 -28.71 -8.23 -24.09
CA GLN A 368 -29.40 -9.51 -24.25
C GLN A 368 -29.05 -10.51 -23.17
N ALA A 369 -27.82 -10.46 -22.65
CA ALA A 369 -27.38 -11.45 -21.68
C ALA A 369 -26.09 -10.96 -21.05
N LEU A 370 -25.78 -11.54 -19.90
CA LEU A 370 -24.55 -11.23 -19.19
C LEU A 370 -24.03 -12.52 -18.61
N TYR A 371 -22.79 -12.87 -18.95
CA TYR A 371 -22.20 -14.13 -18.52
C TYR A 371 -20.96 -13.83 -17.69
N GLN A 372 -21.09 -13.94 -16.37
CA GLN A 372 -19.97 -13.73 -15.46
C GLN A 372 -19.01 -14.90 -15.52
N TYR A 373 -17.73 -14.61 -15.35
CA TYR A 373 -16.77 -15.71 -15.30
C TYR A 373 -15.71 -15.56 -14.23
N THR A 374 -15.74 -14.52 -13.40
CA THR A 374 -14.93 -14.45 -12.19
C THR A 374 -15.83 -14.04 -11.04
N TRP A 375 -15.40 -14.42 -9.82
CA TRP A 375 -16.11 -14.16 -8.56
C TRP A 375 -15.05 -14.07 -7.47
N PRO A 376 -15.22 -13.20 -6.46
CA PRO A 376 -16.34 -12.27 -6.29
C PRO A 376 -16.22 -10.96 -7.07
N VAL A 377 -15.01 -10.55 -7.44
CA VAL A 377 -14.87 -9.43 -8.38
C VAL A 377 -15.44 -9.87 -9.73
N VAL A 378 -16.41 -9.13 -10.24
CA VAL A 378 -17.17 -9.52 -11.42
C VAL A 378 -16.46 -9.09 -12.69
N ASN A 379 -16.11 -10.06 -13.53
CA ASN A 379 -15.87 -9.84 -14.95
C ASN A 379 -16.90 -10.65 -15.72
N ALA A 380 -17.50 -10.03 -16.73
CA ALA A 380 -18.59 -10.66 -17.41
C ALA A 380 -18.55 -10.30 -18.88
N ALA A 381 -18.91 -11.25 -19.73
CA ALA A 381 -19.17 -10.98 -21.13
C ALA A 381 -20.61 -10.50 -21.26
N MET A 382 -20.79 -9.23 -21.60
CA MET A 382 -22.12 -8.67 -21.82
C MET A 382 -22.42 -8.67 -23.31
N VAL A 383 -23.57 -9.25 -23.69
CA VAL A 383 -23.95 -9.39 -25.09
C VAL A 383 -25.00 -8.34 -25.42
N PHE A 384 -24.68 -7.44 -26.33
CA PHE A 384 -25.61 -6.40 -26.74
C PHE A 384 -26.03 -6.60 -28.19
N SER A 385 -27.31 -6.32 -28.47
CA SER A 385 -27.85 -6.36 -29.82
C SER A 385 -28.33 -4.96 -30.22
N LEU A 386 -28.84 -4.83 -31.45
CA LEU A 386 -29.48 -3.61 -31.89
C LEU A 386 -30.91 -3.52 -31.38
N GLN A 387 -31.56 -2.40 -31.70
CA GLN A 387 -32.88 -2.01 -31.19
C GLN A 387 -32.84 -1.81 -29.68
N MET B 1 -20.50 -16.24 0.85
CA MET B 1 -20.63 -17.61 1.33
C MET B 1 -20.90 -17.68 2.83
N GLU B 2 -21.57 -18.76 3.24
CA GLU B 2 -21.68 -19.07 4.66
C GLU B 2 -20.31 -19.33 5.26
N THR B 3 -19.39 -19.85 4.45
CA THR B 3 -18.06 -20.22 4.95
C THR B 3 -17.29 -19.00 5.46
N VAL B 4 -17.31 -17.88 4.72
CA VAL B 4 -16.51 -16.75 5.14
C VAL B 4 -17.15 -16.03 6.32
N ALA B 5 -18.49 -16.03 6.40
CA ALA B 5 -19.15 -15.52 7.60
C ALA B 5 -18.73 -16.32 8.83
N ALA B 6 -18.60 -17.64 8.67
CA ALA B 6 -18.20 -18.49 9.80
C ALA B 6 -16.73 -18.24 10.18
N ILE B 7 -15.86 -18.06 9.18
CA ILE B 7 -14.47 -17.71 9.46
C ILE B 7 -14.39 -16.40 10.24
N LYS B 8 -15.12 -15.39 9.79
CA LYS B 8 -15.08 -14.09 10.47
C LYS B 8 -15.55 -14.21 11.91
N THR B 9 -16.70 -14.87 12.12
CA THR B 9 -17.22 -15.04 13.47
C THR B 9 -16.20 -15.72 14.37
N LEU B 10 -15.59 -16.78 13.88
CA LEU B 10 -14.71 -17.59 14.71
C LEU B 10 -13.43 -16.84 15.07
N ILE B 11 -12.83 -16.15 14.10
CA ILE B 11 -11.61 -15.40 14.36
C ILE B 11 -11.89 -14.19 15.24
N GLN B 12 -13.06 -13.56 15.05
CA GLN B 12 -13.51 -12.50 15.96
C GLN B 12 -13.61 -13.02 17.39
N GLN B 13 -14.26 -14.17 17.59
CA GLN B 13 -14.38 -14.71 18.94
C GLN B 13 -13.02 -15.00 19.53
N LEU B 14 -12.11 -15.59 18.75
CA LEU B 14 -10.76 -15.81 19.24
C LEU B 14 -10.07 -14.49 19.58
N ALA B 15 -10.23 -13.49 18.72
CA ALA B 15 -9.53 -12.22 18.92
C ALA B 15 -9.98 -11.52 20.20
N GLN B 16 -11.27 -11.62 20.55
CA GLN B 16 -11.75 -11.01 21.77
C GLN B 16 -11.31 -11.76 23.02
N SER B 17 -10.97 -13.04 22.90
CA SER B 17 -10.60 -13.84 24.05
C SER B 17 -9.14 -13.63 24.48
N THR B 18 -8.38 -12.82 23.75
CA THR B 18 -6.96 -12.64 24.00
C THR B 18 -6.68 -11.16 24.23
N ASP B 19 -5.41 -10.85 24.53
CA ASP B 19 -5.03 -9.47 24.78
C ASP B 19 -4.57 -8.82 23.47
N GLN B 20 -4.12 -7.57 23.55
CA GLN B 20 -3.71 -6.86 22.35
C GLN B 20 -2.53 -7.54 21.67
N PHE B 21 -1.64 -8.19 22.44
CA PHE B 21 -0.50 -8.86 21.83
C PHE B 21 -0.94 -10.12 21.09
N GLY B 22 -1.94 -10.82 21.63
CA GLY B 22 -2.51 -11.95 20.91
C GLY B 22 -3.23 -11.52 19.64
N ARG B 23 -4.03 -10.45 19.72
CA ARG B 23 -4.67 -9.93 18.53
C ARG B 23 -3.66 -9.55 17.46
N ALA B 24 -2.53 -8.97 17.87
CA ALA B 24 -1.47 -8.64 16.92
C ALA B 24 -0.87 -9.89 16.29
N GLU B 25 -0.73 -10.96 17.08
CA GLU B 25 -0.25 -12.24 16.54
C GLU B 25 -1.23 -12.79 15.50
N ILE B 26 -2.52 -12.73 15.79
CA ILE B 26 -3.52 -13.22 14.86
C ILE B 26 -3.49 -12.40 13.58
N ASN B 27 -3.38 -11.09 13.71
CA ASN B 27 -3.37 -10.23 12.52
C ASN B 27 -2.19 -10.53 11.63
N ASP B 28 -1.00 -10.70 12.20
CA ASP B 28 0.15 -11.08 11.39
C ASP B 28 -0.10 -12.42 10.70
N ALA B 29 -0.74 -13.36 11.37
CA ALA B 29 -1.05 -14.65 10.75
C ALA B 29 -2.06 -14.49 9.62
N LEU B 30 -3.09 -13.65 9.81
CA LEU B 30 -4.04 -13.40 8.73
C LEU B 30 -3.35 -12.79 7.53
N ARG B 31 -2.38 -11.90 7.76
CA ARG B 31 -1.63 -11.30 6.66
C ARG B 31 -0.82 -12.37 5.93
N GLU B 32 -0.13 -13.23 6.68
CA GLU B 32 0.67 -14.27 6.05
C GLU B 32 -0.20 -15.24 5.27
N LEU B 33 -1.37 -15.60 5.80
CA LEU B 33 -2.29 -16.46 5.06
C LEU B 33 -2.76 -15.80 3.79
N GLN B 34 -3.09 -14.49 3.87
CA GLN B 34 -3.55 -13.76 2.69
CA GLN B 34 -3.54 -13.78 2.69
C GLN B 34 -2.49 -13.81 1.59
N TYR B 35 -1.25 -13.45 1.92
CA TYR B 35 -0.18 -13.44 0.93
C TYR B 35 0.08 -14.82 0.36
N SER B 36 -0.12 -15.87 1.15
CA SER B 36 0.22 -17.22 0.71
C SER B 36 -0.87 -17.85 -0.15
N LEU B 37 -2.10 -17.33 -0.09
CA LEU B 37 -3.24 -17.88 -0.79
C LEU B 37 -3.67 -17.04 -1.99
N GLU B 38 -3.01 -15.92 -2.24
CA GLU B 38 -3.36 -15.10 -3.39
CA GLU B 38 -3.34 -15.09 -3.39
C GLU B 38 -2.79 -15.69 -4.67
N THR B 39 -3.49 -15.48 -5.78
CA THR B 39 -2.96 -15.89 -7.06
C THR B 39 -1.83 -14.95 -7.45
N PRO B 40 -0.99 -15.35 -8.43
CA PRO B 40 0.00 -14.39 -8.97
C PRO B 40 -0.62 -13.06 -9.38
N PHE B 41 -1.79 -13.09 -10.02
CA PHE B 41 -2.44 -11.85 -10.44
C PHE B 41 -2.92 -11.04 -9.24
N ASP B 42 -3.41 -11.72 -8.20
CA ASP B 42 -3.81 -11.01 -6.99
C ASP B 42 -2.64 -10.26 -6.38
N THR B 43 -1.48 -10.92 -6.28
CA THR B 43 -0.28 -10.29 -5.74
C THR B 43 0.03 -8.97 -6.43
N VAL B 44 0.05 -8.97 -7.77
CA VAL B 44 0.35 -7.73 -8.48
C VAL B 44 -0.76 -6.72 -8.26
N MET B 45 -2.01 -7.18 -8.28
CA MET B 45 -3.15 -6.31 -8.05
C MET B 45 -3.08 -5.67 -6.66
N ARG B 46 -2.75 -6.48 -5.65
CA ARG B 46 -2.66 -5.95 -4.29
C ARG B 46 -1.58 -4.87 -4.19
N MET B 47 -0.40 -5.13 -4.74
CA MET B 47 0.67 -4.13 -4.70
C MET B 47 0.27 -2.86 -5.43
N SER B 48 -0.42 -3.01 -6.57
CA SER B 48 -0.80 -1.83 -7.35
C SER B 48 -1.82 -0.96 -6.60
N LEU B 49 -2.79 -1.59 -5.92
CA LEU B 49 -3.94 -0.85 -5.44
C LEU B 49 -3.86 -0.44 -3.96
N ASP B 50 -3.15 -1.19 -3.12
CA ASP B 50 -3.06 -0.79 -1.71
C ASP B 50 -2.42 0.59 -1.57
N THR B 51 -1.70 1.05 -2.59
CA THR B 51 -1.27 2.44 -2.70
C THR B 51 -2.44 3.41 -2.53
N CYS B 52 -3.60 3.10 -3.14
CA CYS B 52 -4.70 4.05 -3.15
C CYS B 52 -5.17 4.43 -1.76
N GLN B 53 -4.93 3.58 -0.75
CA GLN B 53 -5.44 3.86 0.59
C GLN B 53 -4.88 5.16 1.13
N VAL B 54 -3.58 5.39 0.95
CA VAL B 54 -2.96 6.62 1.45
C VAL B 54 -3.52 7.83 0.71
N ALA B 55 -3.61 7.73 -0.62
CA ALA B 55 -4.13 8.84 -1.41
C ALA B 55 -5.56 9.17 -1.03
N VAL B 56 -6.40 8.15 -0.85
CA VAL B 56 -7.81 8.41 -0.59
C VAL B 56 -8.01 8.91 0.84
N ALA B 57 -7.21 8.41 1.78
CA ALA B 57 -7.27 8.93 3.15
C ALA B 57 -6.87 10.39 3.20
N ARG B 58 -5.83 10.76 2.44
CA ARG B 58 -5.45 12.17 2.31
C ARG B 58 -6.60 13.02 1.79
N ILE B 59 -7.31 12.53 0.77
CA ILE B 59 -8.45 13.28 0.21
C ILE B 59 -9.54 13.44 1.24
N GLY B 60 -9.91 12.35 1.92
CA GLY B 60 -10.94 12.43 2.94
C GLY B 60 -10.55 13.36 4.07
N SER B 61 -9.26 13.37 4.44
CA SER B 61 -8.79 14.32 5.43
C SER B 61 -8.91 15.75 4.91
N ASP B 62 -8.57 15.98 3.64
CA ASP B 62 -8.71 17.32 3.07
C ASP B 62 -10.14 17.81 3.09
N LEU B 63 -11.11 16.90 2.91
CA LEU B 63 -12.53 17.24 2.89
C LEU B 63 -13.15 17.23 4.29
N GLY B 64 -12.43 16.75 5.29
CA GLY B 64 -13.03 16.60 6.61
C GLY B 64 -14.02 15.47 6.72
N LEU B 65 -13.95 14.49 5.82
CA LEU B 65 -14.97 13.45 5.75
C LEU B 65 -14.97 12.57 6.99
N PHE B 66 -13.79 12.19 7.48
CA PHE B 66 -13.74 11.25 8.59
C PHE B 66 -14.15 11.91 9.90
N LYS B 67 -13.76 13.17 10.10
CA LYS B 67 -14.23 13.92 11.26
C LYS B 67 -15.74 14.13 11.21
N HIS B 68 -16.27 14.53 10.05
CA HIS B 68 -17.71 14.73 9.92
C HIS B 68 -18.46 13.43 10.16
N LEU B 69 -18.01 12.34 9.52
CA LEU B 69 -18.77 11.10 9.60
C LEU B 69 -18.71 10.49 10.98
N SER B 70 -17.61 10.70 11.72
CA SER B 70 -17.51 10.20 13.09
C SER B 70 -18.52 10.85 14.03
N GLN B 71 -19.09 11.98 13.65
CA GLN B 71 -20.06 12.70 14.48
C GLN B 71 -21.50 12.45 14.05
N CYS B 72 -21.74 11.64 13.03
CA CYS B 72 -23.10 11.36 12.55
C CYS B 72 -23.66 10.14 13.26
N ALA B 73 -24.87 10.28 13.79
CA ALA B 73 -25.51 9.15 14.47
C ALA B 73 -26.24 8.23 13.50
N SER B 74 -26.66 8.75 12.35
CA SER B 74 -27.45 7.98 11.41
C SER B 74 -26.74 7.90 10.06
N PRO B 75 -26.94 6.80 9.31
CA PRO B 75 -26.22 6.62 8.05
C PRO B 75 -26.46 7.76 7.07
N GLN B 76 -25.42 8.08 6.31
CA GLN B 76 -25.44 9.17 5.35
C GLN B 76 -25.29 8.62 3.95
N SER B 77 -26.07 9.18 3.02
CA SER B 77 -25.92 8.82 1.62
C SER B 77 -24.77 9.61 1.00
N ALA B 78 -24.34 9.15 -0.18
CA ALA B 78 -23.24 9.82 -0.86
C ALA B 78 -23.60 11.25 -1.22
N GLU B 79 -24.84 11.47 -1.63
CA GLU B 79 -25.27 12.79 -2.09
C GLU B 79 -25.22 13.81 -0.97
N GLU B 80 -25.72 13.46 0.22
CA GLU B 80 -25.73 14.42 1.31
C GLU B 80 -24.33 14.65 1.87
N LEU B 81 -23.50 13.60 1.94
CA LEU B 81 -22.11 13.79 2.31
C LEU B 81 -21.41 14.72 1.32
N ALA B 82 -21.63 14.49 0.03
CA ALA B 82 -21.02 15.34 -0.99
C ALA B 82 -21.44 16.79 -0.83
N ASP B 83 -22.71 17.01 -0.50
CA ASP B 83 -23.23 18.37 -0.41
C ASP B 83 -22.68 19.08 0.83
N HIS B 84 -22.69 18.40 1.97
CA HIS B 84 -22.19 19.03 3.20
C HIS B 84 -20.71 19.38 3.10
N LEU B 85 -19.93 18.56 2.40
CA LEU B 85 -18.48 18.74 2.37
C LEU B 85 -17.98 19.46 1.12
N GLY B 86 -18.86 19.84 0.21
CA GLY B 86 -18.44 20.58 -0.97
C GLY B 86 -17.68 19.75 -1.97
N CYS B 87 -18.15 18.53 -2.23
CA CYS B 87 -17.51 17.60 -3.13
C CYS B 87 -18.50 17.15 -4.20
N GLY B 88 -18.01 16.98 -5.42
CA GLY B 88 -18.80 16.42 -6.50
C GLY B 88 -19.53 15.16 -6.08
N ARG B 89 -20.80 15.02 -6.50
CA ARG B 89 -21.59 13.90 -6.04
C ARG B 89 -21.03 12.58 -6.55
N GLU B 90 -20.69 12.53 -7.85
CA GLU B 90 -20.14 11.31 -8.44
C GLU B 90 -18.77 11.00 -7.85
N LEU B 91 -17.89 12.00 -7.78
CA LEU B 91 -16.59 11.82 -7.16
C LEU B 91 -16.72 11.29 -5.73
N MET B 92 -17.66 11.86 -4.97
CA MET B 92 -17.84 11.40 -3.59
C MET B 92 -18.33 9.95 -3.56
N SER B 93 -19.25 9.62 -4.47
CA SER B 93 -19.75 8.24 -4.54
C SER B 93 -18.60 7.26 -4.76
N ARG B 94 -17.72 7.57 -5.71
CA ARG B 94 -16.62 6.66 -6.02
C ARG B 94 -15.59 6.60 -4.89
N LEU B 95 -15.33 7.74 -4.22
CA LEU B 95 -14.46 7.72 -3.05
C LEU B 95 -15.05 6.83 -1.95
N LEU B 96 -16.35 6.99 -1.69
CA LEU B 96 -16.99 6.22 -0.62
C LEU B 96 -17.05 4.74 -0.95
N ARG B 97 -17.28 4.41 -2.23
CA ARG B 97 -17.29 2.99 -2.60
C ARG B 97 -15.91 2.38 -2.41
N TYR B 98 -14.85 3.11 -2.79
CA TYR B 98 -13.51 2.61 -2.54
C TYR B 98 -13.24 2.49 -1.05
N MET B 99 -13.57 3.54 -0.27
CA MET B 99 -13.32 3.53 1.16
C MET B 99 -14.05 2.38 1.85
N ALA B 100 -15.31 2.16 1.49
CA ALA B 100 -16.07 1.07 2.06
C ALA B 100 -15.44 -0.28 1.75
N SER B 101 -14.83 -0.42 0.57
CA SER B 101 -14.26 -1.72 0.22
C SER B 101 -13.00 -2.04 1.02
N VAL B 102 -12.38 -1.05 1.66
CA VAL B 102 -11.24 -1.27 2.54
C VAL B 102 -11.55 -0.83 3.97
N ARG B 103 -12.83 -0.80 4.33
CA ARG B 103 -13.27 -0.58 5.70
C ARG B 103 -12.84 0.79 6.23
N MET B 104 -12.51 1.71 5.33
CA MET B 104 -12.22 3.07 5.75
C MET B 104 -13.49 3.77 6.20
N VAL B 105 -14.63 3.42 5.60
CA VAL B 105 -15.97 3.65 6.12
C VAL B 105 -16.74 2.33 6.04
N GLN B 106 -17.98 2.35 6.52
CA GLN B 106 -18.88 1.21 6.43
C GLN B 106 -20.05 1.57 5.53
N GLN B 107 -20.39 0.66 4.62
CA GLN B 107 -21.54 0.78 3.73
C GLN B 107 -22.72 -0.01 4.30
N THR B 108 -23.91 0.57 4.21
CA THR B 108 -25.14 -0.08 4.67
C THR B 108 -25.87 -0.74 3.50
N ASP B 109 -26.87 -1.56 3.85
CA ASP B 109 -27.63 -2.30 2.84
C ASP B 109 -28.41 -1.38 1.92
N ASP B 110 -28.79 -0.19 2.40
CA ASP B 110 -29.46 0.77 1.53
C ASP B 110 -28.48 1.73 0.88
N ILE B 111 -27.20 1.36 0.80
CA ILE B 111 -26.14 2.13 0.15
C ILE B 111 -26.01 3.51 0.80
N LYS B 112 -25.94 3.53 2.12
CA LYS B 112 -25.53 4.70 2.90
C LYS B 112 -24.22 4.35 3.63
N TYR B 113 -23.65 5.35 4.31
CA TYR B 113 -22.31 5.24 4.88
C TYR B 113 -22.28 5.70 6.32
N ILE B 114 -21.66 4.89 7.18
CA ILE B 114 -21.44 5.18 8.59
C ILE B 114 -19.98 4.95 8.93
N SER B 115 -19.57 5.48 10.07
CA SER B 115 -18.21 5.30 10.55
C SER B 115 -17.88 3.83 10.78
N SER B 116 -16.61 3.49 10.56
CA SER B 116 -16.00 2.25 11.01
C SER B 116 -14.94 2.60 12.05
N ASN B 117 -14.33 1.56 12.64
CA ASN B 117 -13.18 1.76 13.50
C ASN B 117 -12.12 2.62 12.83
N ILE B 118 -11.93 2.42 11.52
CA ILE B 118 -10.90 3.19 10.81
C ILE B 118 -11.34 4.63 10.59
N THR B 119 -12.65 4.86 10.37
CA THR B 119 -13.13 6.23 10.26
C THR B 119 -12.83 7.01 11.53
N GLN B 120 -13.11 6.39 12.69
CA GLN B 120 -12.82 7.04 13.96
C GLN B 120 -11.32 7.32 14.09
N THR B 121 -10.49 6.33 13.73
CA THR B 121 -9.05 6.50 13.82
C THR B 121 -8.58 7.71 13.03
N LEU B 122 -9.00 7.80 11.77
CA LEU B 122 -8.60 8.91 10.90
C LEU B 122 -9.15 10.26 11.37
N ALA B 123 -10.14 10.26 12.27
CA ALA B 123 -10.64 11.50 12.84
C ALA B 123 -9.82 12.01 14.01
N VAL B 124 -9.08 11.13 14.69
CA VAL B 124 -8.18 11.52 15.78
C VAL B 124 -7.05 12.39 15.21
N PRO B 125 -6.84 13.61 15.73
CA PRO B 125 -5.88 14.53 15.09
C PRO B 125 -4.47 13.98 14.92
N GLY B 126 -3.91 13.31 15.94
CA GLY B 126 -2.55 12.82 15.82
C GLY B 126 -2.40 11.65 14.86
N LEU B 127 -3.44 10.82 14.74
CA LEU B 127 -3.39 9.69 13.81
C LEU B 127 -3.65 10.15 12.38
N GLU B 128 -4.57 11.10 12.19
CA GLU B 128 -4.68 11.75 10.89
C GLU B 128 -3.35 12.37 10.47
N ALA B 129 -2.68 13.05 11.40
CA ALA B 129 -1.39 13.67 11.06
C ALA B 129 -0.35 12.63 10.68
N GLY B 130 -0.44 11.42 11.24
CA GLY B 130 0.46 10.36 10.82
C GLY B 130 0.20 9.94 9.38
N MET B 131 -1.07 9.78 9.02
CA MET B 131 -1.40 9.45 7.64
C MET B 131 -0.97 10.57 6.69
N ARG B 132 -1.15 11.83 7.11
CA ARG B 132 -0.78 12.93 6.23
C ARG B 132 0.72 13.03 6.08
N HIS B 133 1.45 12.67 7.14
CA HIS B 133 2.91 12.59 7.08
C HIS B 133 3.35 11.54 6.07
N ALA B 134 2.74 10.36 6.12
CA ALA B 134 3.07 9.30 5.18
C ALA B 134 2.89 9.76 3.73
N PHE B 135 1.78 10.46 3.45
CA PHE B 135 1.51 10.93 2.10
C PHE B 135 2.53 11.97 1.64
N GLU B 136 2.75 13.02 2.45
CA GLU B 136 3.52 14.16 1.95
C GLU B 136 5.02 14.04 2.21
N ASN B 137 5.46 13.23 3.17
CA ASN B 137 6.87 13.09 3.48
C ASN B 137 7.43 11.73 3.14
N LEU B 138 6.75 10.66 3.51
CA LEU B 138 7.29 9.32 3.32
C LEU B 138 7.28 8.91 1.86
N TRP B 139 6.15 9.01 1.22
CA TRP B 139 6.20 8.25 -0.02
C TRP B 139 6.71 9.07 -1.21
N PRO B 140 6.95 10.39 -1.11
CA PRO B 140 7.88 10.98 -2.10
C PRO B 140 9.28 10.40 -1.98
N VAL B 141 9.71 10.11 -0.75
CA VAL B 141 11.02 9.52 -0.55
C VAL B 141 11.05 8.09 -1.09
N LEU B 142 9.99 7.31 -0.85
CA LEU B 142 9.93 5.96 -1.39
C LEU B 142 9.84 5.98 -2.91
N MET B 143 9.14 6.96 -3.48
CA MET B 143 9.07 7.04 -4.93
CA MET B 143 9.07 7.05 -4.93
C MET B 143 10.44 7.31 -5.54
N ALA B 144 11.33 7.98 -4.80
CA ALA B 144 12.67 8.28 -5.29
C ALA B 144 13.69 7.18 -5.02
N LEU B 145 13.43 6.28 -4.07
CA LEU B 145 14.45 5.34 -3.64
C LEU B 145 14.97 4.42 -4.76
N PRO B 146 14.12 3.80 -5.59
CA PRO B 146 14.68 2.87 -6.61
C PRO B 146 15.62 3.54 -7.61
N ASP B 147 15.25 4.67 -8.18
CA ASP B 147 16.16 5.32 -9.12
C ASP B 147 17.40 5.86 -8.41
N PHE B 148 17.25 6.36 -7.18
CA PHE B 148 18.40 6.80 -6.41
C PHE B 148 19.40 5.67 -6.22
N LEU B 149 18.92 4.49 -5.82
CA LEU B 149 19.82 3.37 -5.61
C LEU B 149 20.43 2.90 -6.93
N ALA B 150 19.66 2.94 -8.01
CA ALA B 150 20.19 2.49 -9.29
C ALA B 150 21.28 3.43 -9.80
N GLU B 151 21.05 4.75 -9.69
CA GLU B 151 22.05 5.72 -10.12
C GLU B 151 23.34 5.56 -9.35
N ARG B 152 23.25 5.23 -8.05
CA ARG B 152 24.41 5.15 -7.19
C ARG B 152 25.00 3.74 -7.13
N LYS B 153 24.47 2.82 -7.94
CA LYS B 153 24.92 1.42 -7.98
C LYS B 153 24.79 0.74 -6.61
N TYR B 154 23.71 1.07 -5.90
CA TYR B 154 23.23 0.35 -4.73
C TYR B 154 24.20 0.41 -3.56
N PRO B 155 24.47 1.60 -3.02
CA PRO B 155 25.39 1.71 -1.88
C PRO B 155 24.67 1.42 -0.57
N ASP B 156 25.48 1.19 0.47
CA ASP B 156 25.00 1.22 1.84
C ASP B 156 24.76 2.67 2.23
N ILE B 157 23.52 3.01 2.56
CA ILE B 157 23.20 4.35 3.01
C ILE B 157 23.59 4.49 4.48
N VAL B 158 24.38 5.52 4.79
CA VAL B 158 24.95 5.72 6.12
C VAL B 158 24.96 7.20 6.49
N ASP B 159 24.54 8.05 5.56
CA ASP B 159 24.61 9.50 5.73
C ASP B 159 23.23 10.09 5.57
N ALA B 160 22.83 10.95 6.52
CA ALA B 160 21.52 11.60 6.46
C ALA B 160 21.46 12.66 5.37
N LYS B 161 22.61 13.11 4.87
CA LYS B 161 22.66 14.11 3.80
C LYS B 161 22.95 13.50 2.43
N ASP B 162 22.98 12.16 2.33
CA ASP B 162 23.17 11.48 1.07
C ASP B 162 22.25 10.26 1.04
N THR B 163 20.94 10.49 0.91
CA THR B 163 19.98 9.41 0.81
C THR B 163 18.89 9.81 -0.19
N ALA B 164 17.80 9.06 -0.23
CA ALA B 164 16.77 9.31 -1.23
C ALA B 164 16.01 10.58 -0.96
N PHE B 165 16.09 11.12 0.26
CA PHE B 165 15.38 12.35 0.58
C PHE B 165 15.89 13.52 -0.25
N GLN B 166 17.21 13.58 -0.48
CA GLN B 166 17.76 14.73 -1.18
C GLN B 166 17.28 14.75 -2.63
N LYS B 167 17.15 13.57 -3.24
CA LYS B 167 16.65 13.51 -4.61
CA LYS B 167 16.65 13.49 -4.61
C LYS B 167 15.14 13.70 -4.67
N ALA B 168 14.40 13.22 -3.67
CA ALA B 168 12.95 13.36 -3.68
C ALA B 168 12.53 14.82 -3.58
N PHE B 169 13.25 15.61 -2.77
CA PHE B 169 12.88 16.99 -2.51
C PHE B 169 13.88 17.99 -3.08
N ASN B 170 14.81 17.54 -3.93
CA ASN B 170 15.71 18.43 -4.67
C ASN B 170 16.37 19.43 -3.73
N THR B 171 16.99 18.91 -2.68
CA THR B 171 17.68 19.74 -1.71
C THR B 171 18.95 19.03 -1.27
N ASP B 172 19.85 19.79 -0.65
CA ASP B 172 21.07 19.24 -0.09
C ASP B 172 21.02 19.14 1.43
N GLN B 173 20.02 19.75 2.06
CA GLN B 173 19.82 19.63 3.49
C GLN B 173 19.43 18.20 3.86
N ASP B 174 19.67 17.86 5.13
CA ASP B 174 19.08 16.64 5.66
C ASP B 174 17.61 16.90 6.01
N CYS B 175 16.90 15.82 6.31
CA CYS B 175 15.45 15.91 6.42
C CYS B 175 15.01 16.86 7.53
N PHE B 176 15.69 16.82 8.67
CA PHE B 176 15.27 17.65 9.80
C PHE B 176 15.48 19.14 9.51
N HIS B 177 16.64 19.51 8.99
CA HIS B 177 16.88 20.92 8.66
C HIS B 177 15.92 21.41 7.58
N TRP B 178 15.66 20.57 6.56
CA TRP B 178 14.73 20.96 5.52
C TRP B 178 13.31 21.12 6.05
N LEU B 179 12.92 20.27 6.99
CA LEU B 179 11.57 20.33 7.52
C LEU B 179 11.31 21.65 8.25
N ALA B 180 12.33 22.21 8.91
CA ALA B 180 12.16 23.46 9.65
C ALA B 180 11.87 24.64 8.75
N THR B 181 12.11 24.53 7.45
CA THR B 181 11.81 25.60 6.50
C THR B 181 10.43 25.47 5.88
N GLN B 182 9.69 24.40 6.20
CA GLN B 182 8.41 24.11 5.57
C GLN B 182 7.30 24.32 6.60
N PRO B 183 6.55 25.43 6.53
CA PRO B 183 5.58 25.71 7.60
C PRO B 183 4.43 24.72 7.65
N THR B 184 3.86 24.35 6.50
CA THR B 184 2.74 23.42 6.49
C THR B 184 3.15 22.06 7.04
N ARG B 185 4.37 21.62 6.74
CA ARG B 185 4.83 20.34 7.23
C ARG B 185 5.10 20.37 8.73
N ILE B 186 5.69 21.46 9.23
CA ILE B 186 5.95 21.58 10.66
C ILE B 186 4.66 21.53 11.46
N ALA B 187 3.61 22.19 10.96
CA ALA B 187 2.33 22.19 11.66
C ALA B 187 1.79 20.77 11.82
N ASN B 188 1.77 20.01 10.73
CA ASN B 188 1.32 18.62 10.80
C ASN B 188 2.20 17.82 11.76
N PHE B 189 3.52 17.95 11.63
CA PHE B 189 4.43 17.27 12.56
C PHE B 189 4.13 17.65 13.99
N LYS B 190 3.78 18.92 14.24
CA LYS B 190 3.41 19.33 15.59
C LYS B 190 2.19 18.59 16.09
N VAL B 191 1.18 18.41 15.23
CA VAL B 191 0.01 17.62 15.62
C VAL B 191 0.41 16.16 15.87
N LEU B 192 1.37 15.65 15.09
CA LEU B 192 1.78 14.26 15.24
C LEU B 192 2.30 13.97 16.65
N LEU B 193 2.98 14.93 17.26
CA LEU B 193 3.50 14.74 18.62
C LEU B 193 2.38 14.54 19.65
N THR B 194 1.15 14.98 19.36
CA THR B 194 0.06 14.85 20.32
C THR B 194 -0.40 13.41 20.51
N ASP B 195 -0.12 12.52 19.56
CA ASP B 195 -0.51 11.12 19.69
C ASP B 195 0.44 10.40 20.65
N GLU B 196 -0.14 9.68 21.62
CA GLU B 196 0.63 8.97 22.62
C GLU B 196 0.53 7.48 22.35
N ARG B 197 1.68 6.84 22.11
CA ARG B 197 1.70 5.40 21.89
C ARG B 197 1.26 4.67 23.16
N THR B 198 0.58 3.54 22.97
CA THR B 198 0.20 2.70 24.09
C THR B 198 0.41 1.25 23.69
N PRO B 199 0.92 0.40 24.60
CA PRO B 199 1.33 0.73 25.97
C PRO B 199 2.71 1.41 25.99
N ASN B 200 3.16 1.83 27.17
CA ASN B 200 4.46 2.47 27.32
C ASN B 200 5.36 1.62 28.21
N PHE B 201 6.62 2.04 28.30
CA PHE B 201 7.63 1.24 29.01
C PHE B 201 7.32 1.08 30.50
N LEU B 202 6.53 1.99 31.09
CA LEU B 202 6.22 1.86 32.51
C LEU B 202 5.29 0.69 32.81
N SER B 203 4.81 -0.03 31.79
CA SER B 203 4.01 -1.22 32.04
C SER B 203 4.88 -2.42 32.45
N THR B 204 6.16 -2.44 32.08
CA THR B 204 7.05 -3.51 32.51
C THR B 204 8.33 -2.98 33.15
N PHE B 205 8.49 -1.67 33.30
CA PHE B 205 9.74 -1.14 33.81
C PHE B 205 9.76 -1.19 35.33
N PRO B 206 10.63 -2.00 35.94
CA PRO B 206 10.71 -2.09 37.40
C PRO B 206 11.48 -0.91 37.99
N LEU B 207 10.77 0.22 38.13
CA LEU B 207 11.42 1.45 38.54
C LEU B 207 12.11 1.30 39.89
N GLU B 208 11.39 0.81 40.89
CA GLU B 208 11.96 0.70 42.23
C GLU B 208 13.19 -0.22 42.25
N LYS B 209 13.13 -1.34 41.53
CA LYS B 209 14.29 -2.23 41.49
C LYS B 209 15.49 -1.56 40.83
N GLU B 210 15.28 -0.85 39.72
CA GLU B 210 16.37 -0.15 39.07
C GLU B 210 16.81 1.08 39.88
N LEU B 211 15.87 1.68 40.61
CA LEU B 211 16.21 2.82 41.47
C LEU B 211 17.13 2.39 42.60
N GLY B 212 16.80 1.28 43.26
CA GLY B 212 17.65 0.78 44.33
C GLY B 212 17.72 1.75 45.49
N SER B 213 18.94 2.02 45.94
CA SER B 213 19.18 2.93 47.05
C SER B 213 19.47 4.35 46.60
N TRP B 214 19.11 4.70 45.36
CA TRP B 214 19.37 6.05 44.88
C TRP B 214 18.61 7.07 45.72
N SER B 215 19.29 8.17 46.02
CA SER B 215 18.75 9.23 46.86
C SER B 215 18.51 10.47 46.00
N ALA B 216 17.31 11.04 46.11
CA ALA B 216 17.00 12.23 45.34
C ALA B 216 17.64 13.48 45.92
N GLU B 217 17.91 13.49 47.23
CA GLU B 217 18.51 14.64 47.87
C GLU B 217 19.95 14.84 47.37
N PRO B 218 20.41 16.10 47.25
CA PRO B 218 19.75 17.36 47.59
C PRO B 218 18.61 17.71 46.65
N GLU B 219 18.96 17.92 45.37
CA GLU B 219 17.97 18.09 44.31
C GLU B 219 18.49 17.47 43.02
N LYS B 220 18.71 16.16 43.05
CA LYS B 220 19.08 15.44 41.84
C LYS B 220 17.85 15.19 40.98
N ALA B 221 18.09 14.97 39.69
CA ALA B 221 17.03 14.69 38.74
C ALA B 221 16.76 13.19 38.71
N LEU B 222 15.50 12.80 38.92
CA LEU B 222 15.12 11.41 38.76
C LEU B 222 15.07 11.02 37.28
N PHE B 223 14.53 11.89 36.44
CA PHE B 223 14.17 11.52 35.08
C PHE B 223 14.40 12.72 34.18
N VAL B 224 15.26 12.55 33.19
CA VAL B 224 15.52 13.57 32.17
C VAL B 224 15.04 13.00 30.84
N ASP B 225 13.96 13.57 30.32
CA ASP B 225 13.27 13.09 29.12
C ASP B 225 13.85 13.85 27.92
N ILE B 226 14.84 13.24 27.27
CA ILE B 226 15.61 13.92 26.23
C ILE B 226 14.88 13.81 24.90
N GLY B 227 14.48 14.95 24.34
CA GLY B 227 13.61 14.94 23.17
C GLY B 227 12.25 14.36 23.49
N GLY B 228 11.70 14.70 24.67
CA GLY B 228 10.47 14.12 25.18
C GLY B 228 9.20 14.64 24.55
N GLY B 229 9.26 15.58 23.61
CA GLY B 229 8.07 15.99 22.88
C GLY B 229 7.07 16.66 23.80
N MET B 230 5.82 16.16 23.79
CA MET B 230 4.79 16.67 24.68
C MET B 230 5.01 16.26 26.12
N GLY B 231 6.00 15.40 26.39
CA GLY B 231 6.28 14.97 27.75
C GLY B 231 5.46 13.80 28.24
N HIS B 232 4.87 13.01 27.32
CA HIS B 232 4.00 11.91 27.71
C HIS B 232 4.69 10.96 28.70
N ALA B 233 5.97 10.65 28.47
CA ALA B 233 6.67 9.77 29.39
C ALA B 233 6.81 10.38 30.77
N CYS B 234 7.04 11.71 30.84
CA CYS B 234 7.08 12.39 32.14
C CYS B 234 5.73 12.34 32.84
N ILE B 235 4.66 12.64 32.11
CA ILE B 235 3.32 12.62 32.67
C ILE B 235 3.00 11.25 33.24
N ARG B 236 3.19 10.20 32.44
CA ARG B 236 2.91 8.83 32.88
C ARG B 236 3.85 8.40 34.00
N LEU B 237 5.04 8.97 34.07
CA LEU B 237 5.92 8.69 35.20
C LEU B 237 5.35 9.25 36.48
N ARG B 238 4.91 10.51 36.45
CA ARG B 238 4.33 11.14 37.64
C ARG B 238 3.02 10.49 38.04
N GLU B 239 2.25 10.00 37.07
CA GLU B 239 0.97 9.38 37.37
C GLU B 239 1.16 8.04 38.07
N LYS B 240 2.14 7.23 37.62
CA LYS B 240 2.32 5.90 38.20
C LYS B 240 3.16 5.90 39.47
N TYR B 241 4.05 6.88 39.66
CA TYR B 241 4.88 6.97 40.87
C TYR B 241 4.83 8.38 41.43
N PRO B 242 3.66 8.84 41.88
CA PRO B 242 3.55 10.24 42.32
C PRO B 242 4.40 10.56 43.55
N ASN B 243 4.73 9.56 44.36
CA ASN B 243 5.47 9.78 45.58
C ASN B 243 6.98 9.68 45.40
N GLN B 244 7.45 9.17 44.26
CA GLN B 244 8.88 9.05 44.03
C GLN B 244 9.53 10.42 44.00
N PRO B 245 10.50 10.71 44.86
CA PRO B 245 11.13 12.03 44.87
C PRO B 245 12.20 12.13 43.79
N GLY B 246 12.46 13.36 43.38
CA GLY B 246 13.43 13.66 42.34
C GLY B 246 12.81 14.53 41.26
N ARG B 247 13.65 15.35 40.63
CA ARG B 247 13.16 16.16 39.52
C ARG B 247 12.78 15.27 38.33
N VAL B 248 11.77 15.71 37.60
CA VAL B 248 11.38 15.13 36.33
C VAL B 248 11.40 16.26 35.30
N ILE B 249 12.28 16.13 34.31
CA ILE B 249 12.65 17.24 33.44
C ILE B 249 12.37 16.87 31.99
N LEU B 250 11.52 17.66 31.35
CA LEU B 250 11.23 17.53 29.92
C LEU B 250 12.20 18.41 29.14
N GLN B 251 13.02 17.78 28.30
CA GLN B 251 13.98 18.50 27.46
C GLN B 251 13.58 18.37 26.01
N ASP B 252 13.45 19.51 25.34
CA ASP B 252 13.15 19.55 23.91
C ASP B 252 13.43 20.97 23.42
N LEU B 253 13.23 21.18 22.13
CA LEU B 253 13.39 22.50 21.54
C LEU B 253 12.28 23.43 22.02
N PRO B 254 12.57 24.73 22.13
CA PRO B 254 11.56 25.69 22.63
C PRO B 254 10.23 25.61 21.90
N PRO B 255 10.20 25.44 20.56
CA PRO B 255 8.89 25.35 19.89
C PRO B 255 7.99 24.26 20.43
N VAL B 256 8.52 23.05 20.63
CA VAL B 256 7.63 21.98 21.10
C VAL B 256 7.41 22.10 22.60
N LEU B 257 8.39 22.58 23.36
CA LEU B 257 8.16 22.86 24.77
C LEU B 257 7.02 23.85 24.95
N GLN B 258 6.93 24.85 24.07
CA GLN B 258 5.84 25.82 24.14
C GLN B 258 4.50 25.15 23.84
N ALA B 259 4.45 24.33 22.79
CA ALA B 259 3.21 23.63 22.46
C ALA B 259 2.82 22.59 23.50
N ALA B 260 3.80 22.07 24.25
CA ALA B 260 3.51 21.08 25.29
C ALA B 260 2.99 21.71 26.57
N GLN B 261 3.13 23.03 26.74
CA GLN B 261 2.64 23.69 27.94
C GLN B 261 1.13 23.55 28.11
N ALA B 262 0.40 23.35 27.01
CA ALA B 262 -1.06 23.23 27.09
C ALA B 262 -1.47 21.99 27.87
N THR B 263 -0.82 20.86 27.62
CA THR B 263 -1.21 19.58 28.22
C THR B 263 -0.33 19.18 29.40
N LEU B 264 0.66 19.99 29.76
CA LEU B 264 1.50 19.60 30.89
C LEU B 264 0.79 19.86 32.21
N PRO B 265 1.00 19.01 33.21
CA PRO B 265 0.54 19.34 34.57
C PRO B 265 1.19 20.63 35.06
N LEU B 266 0.47 21.32 35.94
CA LEU B 266 0.93 22.62 36.41
C LEU B 266 2.27 22.50 37.13
N SER B 267 2.45 21.47 37.94
CA SER B 267 3.69 21.23 38.64
C SER B 267 4.08 19.77 38.50
N GLY B 268 5.33 19.48 38.89
CA GLY B 268 5.85 18.13 38.82
C GLY B 268 6.93 17.99 37.76
N ILE B 269 6.73 18.66 36.62
CA ILE B 269 7.54 18.43 35.43
C ILE B 269 8.12 19.77 34.98
N GLU B 270 9.43 19.91 35.06
CA GLU B 270 10.09 21.13 34.58
C GLU B 270 10.26 21.05 33.06
N SER B 271 10.13 22.19 32.41
CA SER B 271 10.36 22.30 30.98
C SER B 271 11.69 23.02 30.75
N MET B 272 12.65 22.32 30.16
CA MET B 272 14.00 22.84 30.00
C MET B 272 14.41 22.76 28.53
N PRO B 273 14.55 23.89 27.84
CA PRO B 273 15.06 23.85 26.46
C PRO B 273 16.46 23.24 26.42
N HIS B 274 16.64 22.27 25.52
CA HIS B 274 17.95 21.67 25.34
C HIS B 274 18.02 20.96 24.01
N ASN B 275 19.09 21.20 23.28
CA ASN B 275 19.38 20.54 22.01
C ASN B 275 20.23 19.30 22.28
N PHE B 276 19.67 18.10 22.00
CA PHE B 276 20.45 16.92 22.37
C PHE B 276 21.69 16.71 21.50
N HIS B 277 22.03 17.60 20.57
CA HIS B 277 23.34 17.55 19.92
C HIS B 277 24.40 18.33 20.70
N THR B 278 24.07 18.86 21.88
CA THR B 278 24.99 19.61 22.71
C THR B 278 25.15 18.91 24.07
N PRO B 279 26.20 19.26 24.83
CA PRO B 279 26.43 18.56 26.11
C PRO B 279 25.23 18.62 27.05
N GLN B 280 24.99 17.51 27.74
CA GLN B 280 23.85 17.39 28.65
C GLN B 280 24.06 18.26 29.89
N PRO B 281 23.16 19.22 30.18
CA PRO B 281 23.40 20.11 31.33
C PRO B 281 23.03 19.52 32.68
N VAL B 282 21.98 18.71 32.75
CA VAL B 282 21.59 18.12 34.03
C VAL B 282 22.61 17.08 34.45
N GLN B 283 23.21 17.28 35.63
CA GLN B 283 24.33 16.47 36.11
C GLN B 283 23.82 15.36 37.03
N GLY B 284 24.44 14.19 36.93
CA GLY B 284 24.18 13.10 37.85
C GLY B 284 22.73 12.67 37.95
N ALA B 285 21.95 12.79 36.88
CA ALA B 285 20.58 12.33 36.95
C ALA B 285 20.55 10.81 37.02
N LYS B 286 19.48 10.27 37.58
CA LYS B 286 19.35 8.82 37.66
C LYS B 286 19.07 8.21 36.29
N PHE B 287 18.03 8.68 35.60
CA PHE B 287 17.63 8.15 34.31
C PHE B 287 17.68 9.23 33.24
N TYR B 288 18.53 9.03 32.23
CA TYR B 288 18.52 9.81 31.00
C TYR B 288 17.75 8.99 29.96
N PHE B 289 16.58 9.48 29.57
CA PHE B 289 15.59 8.72 28.81
C PHE B 289 15.59 9.21 27.36
N LEU B 290 15.78 8.28 26.42
CA LEU B 290 15.79 8.56 24.99
C LEU B 290 14.78 7.63 24.33
N ARG B 291 13.57 8.12 24.07
CA ARG B 291 12.52 7.31 23.46
C ARG B 291 12.33 7.70 22.00
N LEU B 292 12.52 6.73 21.10
CA LEU B 292 12.34 6.92 19.64
C LEU B 292 13.15 8.13 19.17
N ILE B 293 14.34 8.28 19.72
CA ILE B 293 15.25 9.35 19.33
C ILE B 293 16.35 8.81 18.43
N LEU B 294 17.11 7.81 18.92
CA LEU B 294 18.30 7.37 18.23
C LEU B 294 17.97 6.62 16.93
N ARG B 295 16.76 6.09 16.80
CA ARG B 295 16.35 5.43 15.56
C ARG B 295 16.39 6.39 14.37
N ASP B 296 16.32 7.69 14.61
CA ASP B 296 16.24 8.66 13.53
C ASP B 296 17.60 9.13 13.07
N PHE B 297 18.70 8.57 13.60
CA PHE B 297 20.00 9.08 13.27
C PHE B 297 20.93 7.94 12.88
N PRO B 298 21.79 8.15 11.89
CA PRO B 298 22.80 7.13 11.55
C PRO B 298 23.77 6.96 12.72
N ASP B 299 24.52 5.85 12.65
CA ASP B 299 25.36 5.44 13.76
C ASP B 299 26.26 6.56 14.27
N HIS B 300 26.91 7.30 13.36
CA HIS B 300 27.86 8.30 13.84
C HIS B 300 27.15 9.44 14.55
N GLN B 301 25.95 9.82 14.09
CA GLN B 301 25.22 10.87 14.78
C GLN B 301 24.52 10.36 16.03
N ALA B 302 24.06 9.11 16.03
CA ALA B 302 23.50 8.55 17.25
C ALA B 302 24.55 8.49 18.35
N LEU B 303 25.80 8.16 17.99
CA LEU B 303 26.87 8.08 18.97
C LEU B 303 27.16 9.44 19.61
N GLU B 304 27.16 10.52 18.80
CA GLU B 304 27.40 11.85 19.35
C GLU B 304 26.33 12.25 20.35
N ILE B 305 25.08 11.83 20.13
CA ILE B 305 24.02 12.12 21.08
C ILE B 305 24.32 11.45 22.42
N LEU B 306 24.83 10.21 22.37
CA LEU B 306 25.19 9.52 23.61
C LEU B 306 26.48 10.10 24.20
N GLN B 307 27.47 10.41 23.35
CA GLN B 307 28.71 11.00 23.85
C GLN B 307 28.47 12.32 24.54
N ASN B 308 27.39 13.03 24.20
CA ASN B 308 27.07 14.27 24.88
C ASN B 308 26.40 14.09 26.24
N ILE B 309 25.90 12.89 26.55
CA ILE B 309 25.28 12.63 27.84
C ILE B 309 26.26 11.99 28.81
N VAL B 310 27.13 11.09 28.30
CA VAL B 310 28.08 10.39 29.14
C VAL B 310 28.81 11.31 30.13
N PRO B 311 29.34 12.47 29.73
CA PRO B 311 30.09 13.30 30.69
C PRO B 311 29.27 13.83 31.87
N ALA B 312 27.95 13.67 31.87
CA ALA B 312 27.13 14.14 32.99
C ALA B 312 26.67 13.01 33.91
N MET B 313 27.11 11.78 33.67
CA MET B 313 26.61 10.63 34.40
C MET B 313 27.43 10.36 35.65
N ASP B 314 26.73 9.98 36.73
CA ASP B 314 27.36 9.43 37.93
C ASP B 314 27.58 7.94 37.74
N ALA B 315 28.07 7.27 38.78
CA ALA B 315 28.07 5.81 38.77
C ALA B 315 26.66 5.25 38.81
N GLU B 316 25.73 5.95 39.49
CA GLU B 316 24.35 5.52 39.57
C GLU B 316 23.52 5.93 38.36
N SER B 317 24.03 6.82 37.51
CA SER B 317 23.27 7.29 36.37
C SER B 317 23.05 6.17 35.36
N ARG B 318 21.87 6.14 34.76
CA ARG B 318 21.57 5.21 33.68
C ARG B 318 21.07 5.98 32.47
N ILE B 319 21.51 5.54 31.29
CA ILE B 319 20.91 5.99 30.03
C ILE B 319 19.90 4.93 29.63
N VAL B 320 18.66 5.34 29.44
CA VAL B 320 17.59 4.42 29.06
C VAL B 320 17.18 4.75 27.62
N ILE B 321 17.47 3.83 26.71
CA ILE B 321 17.05 3.95 25.31
C ILE B 321 15.76 3.15 25.16
N ASP B 322 14.67 3.85 24.86
CA ASP B 322 13.37 3.23 24.62
C ASP B 322 13.12 3.30 23.12
N ASP B 323 13.14 2.17 22.45
CA ASP B 323 13.17 2.17 20.99
C ASP B 323 12.84 0.77 20.51
N GLY B 324 12.80 0.61 19.18
CA GLY B 324 12.57 -0.70 18.61
C GLY B 324 13.78 -1.59 18.77
N VAL B 325 13.54 -2.85 19.12
CA VAL B 325 14.60 -3.84 19.14
C VAL B 325 14.15 -5.04 18.32
N PRO B 326 14.27 -5.00 17.00
CA PRO B 326 13.84 -6.13 16.16
C PRO B 326 14.72 -7.35 16.36
N PRO B 327 14.22 -8.54 16.07
CA PRO B 327 15.03 -9.75 16.22
C PRO B 327 16.00 -9.91 15.06
N GLU B 328 16.98 -10.80 15.27
CA GLU B 328 17.93 -11.10 14.20
C GLU B 328 17.28 -11.87 13.07
N LYS B 329 16.19 -12.58 13.33
CA LYS B 329 15.46 -13.29 12.29
C LYS B 329 13.98 -13.24 12.62
N GLY B 330 13.16 -13.39 11.58
CA GLY B 330 11.73 -13.39 11.75
C GLY B 330 11.14 -12.03 12.08
N ALA B 331 11.83 -10.95 11.74
CA ALA B 331 11.35 -9.60 12.04
C ALA B 331 10.05 -9.31 11.29
N ARG B 332 9.18 -8.51 11.91
CA ARG B 332 7.84 -8.24 11.41
C ARG B 332 7.85 -7.04 10.46
N TRP B 333 6.80 -6.94 9.64
CA TRP B 333 6.72 -5.88 8.64
C TRP B 333 6.72 -4.49 9.28
N ALA B 334 6.15 -4.35 10.47
CA ALA B 334 6.11 -3.04 11.11
C ALA B 334 7.47 -2.59 11.62
N GLU B 335 8.42 -3.51 11.80
CA GLU B 335 9.75 -3.10 12.21
C GLU B 335 10.76 -3.15 11.05
N THR B 336 10.45 -3.84 9.96
CA THR B 336 11.32 -3.75 8.78
C THR B 336 10.87 -2.69 7.79
N GLY B 337 9.56 -2.42 7.70
CA GLY B 337 9.10 -1.30 6.89
C GLY B 337 9.58 0.04 7.44
N THR B 338 9.58 0.20 8.76
CA THR B 338 10.11 1.43 9.34
C THR B 338 11.59 1.59 8.97
N ASP B 339 12.34 0.49 9.04
CA ASP B 339 13.77 0.50 8.70
C ASP B 339 14.00 1.04 7.30
N ILE B 340 13.24 0.55 6.32
CA ILE B 340 13.40 1.03 4.93
C ILE B 340 13.03 2.51 4.83
N CYS B 341 11.97 2.92 5.54
CA CYS B 341 11.52 4.31 5.48
C CYS B 341 12.55 5.27 6.08
N ILE B 342 13.09 4.93 7.25
CA ILE B 342 14.05 5.84 7.88
C ILE B 342 15.39 5.78 7.17
N MET B 343 15.72 4.64 6.56
CA MET B 343 16.91 4.59 5.71
C MET B 343 16.79 5.58 4.57
N SER B 344 15.62 5.62 3.93
CA SER B 344 15.43 6.44 2.74
C SER B 344 15.30 7.91 3.08
N ALA B 345 14.67 8.23 4.20
CA ALA B 345 14.41 9.62 4.56
C ALA B 345 15.48 10.23 5.46
N LEU B 346 16.08 9.42 6.36
CA LEU B 346 16.95 9.93 7.41
C LEU B 346 18.36 9.32 7.40
N GLY B 347 18.61 8.33 6.55
CA GLY B 347 19.89 7.65 6.55
C GLY B 347 20.15 6.78 7.75
N SER B 348 19.15 6.53 8.60
CA SER B 348 19.30 5.78 9.83
C SER B 348 18.80 4.35 9.63
N LYS B 349 18.52 3.65 10.73
CA LYS B 349 18.21 2.23 10.66
C LYS B 349 17.50 1.80 11.93
N GLU B 350 16.81 0.66 11.85
CA GLU B 350 16.42 -0.05 13.05
C GLU B 350 17.62 -0.88 13.52
N ARG B 351 17.66 -1.15 14.82
CA ARG B 351 18.82 -1.77 15.43
C ARG B 351 18.39 -2.96 16.27
N THR B 352 18.98 -4.12 15.99
CA THR B 352 18.86 -5.25 16.89
C THR B 352 19.51 -4.92 18.23
N GLN B 353 19.24 -5.76 19.23
CA GLN B 353 19.87 -5.58 20.54
C GLN B 353 21.39 -5.54 20.40
N ARG B 354 21.93 -6.39 19.52
CA ARG B 354 23.38 -6.44 19.33
C ARG B 354 23.90 -5.14 18.73
N GLN B 355 23.18 -4.55 17.77
CA GLN B 355 23.64 -3.29 17.20
C GLN B 355 23.52 -2.14 18.20
N TRP B 356 22.52 -2.19 19.08
CA TRP B 356 22.41 -1.19 20.13
C TRP B 356 23.61 -1.25 21.07
N GLU B 357 23.99 -2.47 21.49
CA GLU B 357 25.13 -2.60 22.40
C GLU B 357 26.43 -2.20 21.71
N GLU B 358 26.56 -2.53 20.42
CA GLU B 358 27.73 -2.13 19.65
C GLU B 358 27.86 -0.61 19.61
N LEU B 359 26.73 0.09 19.45
CA LEU B 359 26.73 1.55 19.41
C LEU B 359 26.98 2.14 20.78
N ALA B 360 26.36 1.57 21.82
CA ALA B 360 26.55 2.06 23.18
C ALA B 360 27.96 1.79 23.69
N ALA B 361 28.56 0.66 23.29
CA ALA B 361 29.94 0.38 23.69
C ALA B 361 30.88 1.49 23.24
N LYS B 362 30.66 2.01 22.03
CA LYS B 362 31.50 3.10 21.53
C LYS B 362 31.34 4.39 22.32
N ALA B 363 30.32 4.51 23.17
CA ALA B 363 30.19 5.64 24.06
C ALA B 363 30.66 5.34 25.47
N GLY B 364 31.19 4.15 25.71
CA GLY B 364 31.58 3.75 27.05
C GLY B 364 30.48 3.16 27.89
N LEU B 365 29.39 2.73 27.26
CA LEU B 365 28.22 2.25 27.98
C LEU B 365 28.12 0.72 27.93
N GLN B 366 27.39 0.18 28.89
CA GLN B 366 27.24 -1.27 29.04
C GLN B 366 25.78 -1.60 29.30
N LEU B 367 25.25 -2.56 28.57
CA LEU B 367 23.86 -2.95 28.75
C LEU B 367 23.68 -3.65 30.09
N GLN B 368 22.80 -3.11 30.93
CA GLN B 368 22.47 -3.73 32.21
C GLN B 368 21.19 -4.55 32.17
N ALA B 369 20.17 -4.06 31.49
CA ALA B 369 18.87 -4.74 31.49
C ALA B 369 18.08 -4.29 30.27
N LEU B 370 17.13 -5.13 29.88
CA LEU B 370 16.28 -4.87 28.72
C LEU B 370 14.87 -5.30 29.07
N TYR B 371 13.94 -4.36 29.09
CA TYR B 371 12.55 -4.61 29.50
C TYR B 371 11.63 -4.38 28.32
N GLN B 372 11.27 -5.45 27.61
CA GLN B 372 10.28 -5.35 26.55
C GLN B 372 8.92 -4.96 27.13
N TYR B 373 8.12 -4.27 26.32
CA TYR B 373 6.76 -3.93 26.73
C TYR B 373 5.78 -3.95 25.57
N THR B 374 6.17 -4.47 24.40
CA THR B 374 5.27 -4.75 23.29
C THR B 374 5.69 -6.06 22.64
N TRP B 375 4.73 -6.72 22.01
CA TRP B 375 4.90 -7.98 21.30
C TRP B 375 3.86 -8.02 20.20
N PRO B 376 4.16 -8.67 19.06
CA PRO B 376 5.45 -9.31 18.77
C PRO B 376 6.49 -8.34 18.19
N VAL B 377 6.05 -7.17 17.73
CA VAL B 377 6.99 -6.10 17.40
C VAL B 377 7.57 -5.55 18.70
N VAL B 378 8.89 -5.56 18.82
CA VAL B 378 9.55 -5.34 20.11
C VAL B 378 9.92 -3.88 20.29
N ASN B 379 9.36 -3.26 21.31
CA ASN B 379 9.88 -2.05 21.91
C ASN B 379 10.33 -2.38 23.32
N ALA B 380 11.53 -1.94 23.68
CA ALA B 380 12.04 -2.22 25.01
C ALA B 380 12.73 -0.99 25.55
N ALA B 381 12.74 -0.88 26.88
CA ALA B 381 13.60 0.05 27.57
C ALA B 381 14.91 -0.67 27.86
N MET B 382 15.99 -0.22 27.22
CA MET B 382 17.33 -0.76 27.45
C MET B 382 18.07 0.15 28.42
N VAL B 383 18.59 -0.43 29.50
CA VAL B 383 19.21 0.32 30.59
C VAL B 383 20.72 0.21 30.48
N PHE B 384 21.38 1.33 30.22
CA PHE B 384 22.82 1.36 30.03
C PHE B 384 23.49 2.10 31.18
N SER B 385 24.73 1.71 31.47
CA SER B 385 25.52 2.34 32.52
C SER B 385 26.93 2.55 32.00
N LEU B 386 27.76 3.22 32.80
CA LEU B 386 29.14 3.44 32.43
C LEU B 386 29.94 2.14 32.53
N GLN B 387 31.23 2.23 32.23
CA GLN B 387 32.11 1.06 32.15
C GLN B 387 31.63 0.05 31.11
C1 BYO C . -5.80 -0.14 -13.61
C2 BYO C . -5.91 -0.97 -12.50
C3 BYO C . -4.49 -1.57 -12.11
C4 BYO C . -4.19 -2.61 -13.11
C5 BYO C . -2.70 -2.95 -12.90
C6 BYO C . -2.19 -4.10 -13.84
C7 BYO C . -2.99 -4.05 -15.24
C8 BYO C . -3.48 -2.63 -15.57
C9 BYO C . -4.69 -2.22 -14.65
C10 BYO C . -5.08 -0.89 -14.93
C11 BYO C . -4.23 0.18 -15.45
C12 BYO C . -4.66 1.09 -16.48
C13 BYO C . -5.55 0.53 -17.54
C14 BYO C . -6.46 -1.02 -15.71
C15 BYO C . -3.69 2.21 -16.73
C16 BYO C . -3.09 2.36 -17.97
C17 BYO C . -2.20 3.39 -18.16
C18 BYO C . -1.91 4.22 -17.12
C19 BYO C . -2.51 4.05 -15.88
C20 BYO C . -3.39 3.02 -15.68
C21 BYO C . -4.91 0.88 -13.01
C22 BYO C . -3.83 -2.59 -17.04
N1 BYO C . -6.65 -0.31 -17.01
O1 BYO C . -3.18 0.29 -15.00
O2 BYO C . -7.35 -1.65 -15.30
N SAM D . -8.40 -6.71 -25.42
CA SAM D . -7.13 -7.05 -24.80
C SAM D . -7.24 -8.31 -23.95
O SAM D . -6.44 -9.24 -24.06
OXT SAM D . -8.13 -8.43 -23.11
CB SAM D . -6.62 -5.88 -23.96
CG SAM D . -5.43 -5.16 -24.55
SD SAM D . -5.04 -3.57 -23.75
CE SAM D . -6.04 -3.60 -22.23
C5' SAM D . -5.93 -2.42 -24.81
C4' SAM D . -5.59 -2.67 -26.28
O4' SAM D . -6.25 -1.75 -27.12
C3' SAM D . -4.09 -2.51 -26.52
O3' SAM D . -3.61 -3.67 -27.15
C2' SAM D . -3.94 -1.34 -27.46
O2' SAM D . -3.00 -1.57 -28.47
C1' SAM D . -5.31 -1.27 -28.08
N9 SAM D . -5.63 0.08 -28.54
C8 SAM D . -5.41 1.28 -27.92
N7 SAM D . -5.87 2.25 -28.74
C5 SAM D . -6.36 1.67 -29.87
C6 SAM D . -6.93 2.18 -31.01
N6 SAM D . -7.10 3.49 -31.16
N1 SAM D . -7.34 1.30 -32.01
C2 SAM D . -7.17 -0.06 -31.87
N3 SAM D . -6.60 -0.56 -30.72
C4 SAM D . -6.20 0.30 -29.75
C1 BYO E . 7.90 5.60 10.30
C2 BYO E . 7.02 5.21 9.28
C3 BYO E . 5.50 4.99 9.77
C4 BYO E . 4.93 5.96 10.73
C5 BYO E . 3.99 6.90 9.96
C6 BYO E . 3.13 7.75 10.95
C7 BYO E . 3.96 8.16 12.28
C8 BYO E . 5.48 8.20 11.98
C9 BYO E . 6.03 6.79 11.65
C10 BYO E . 7.31 6.97 11.09
C11 BYO E . 7.80 8.16 10.35
C12 BYO E . 9.17 8.68 10.43
C13 BYO E . 10.01 8.20 11.56
C14 BYO E . 8.21 6.41 12.25
C15 BYO E . 9.66 9.87 9.61
C16 BYO E . 9.86 11.10 10.22
C17 BYO E . 10.31 12.17 9.48
C18 BYO E . 10.58 12.03 8.14
C19 BYO E . 10.39 10.82 7.54
C20 BYO E . 9.93 9.74 8.27
C21 BYO E . 9.21 5.92 9.70
C22 BYO E . 6.22 8.75 13.17
N1 BYO E . 9.55 7.07 12.38
O1 BYO E . 7.03 8.72 9.67
O2 BYO E . 7.92 5.49 12.94
N SAM F . 10.52 11.10 22.99
CA SAM F . 9.29 11.41 22.29
C SAM F . 8.19 10.42 22.66
O SAM F . 7.08 10.78 23.04
OXT SAM F . 8.39 9.21 22.61
CB SAM F . 9.52 11.40 20.78
CG SAM F . 9.14 12.67 20.04
SD SAM F . 9.69 12.66 18.30
CE SAM F . 10.04 10.92 18.01
C5' SAM F . 11.36 13.38 18.41
C4' SAM F . 11.42 14.57 19.37
O4' SAM F . 12.75 15.04 19.47
C3' SAM F . 10.57 15.73 18.90
O3' SAM F . 9.78 16.18 19.97
C2' SAM F . 11.53 16.83 18.53
O2' SAM F . 11.05 18.09 18.92
C1' SAM F . 12.77 16.45 19.34
N9 SAM F . 14.02 16.90 18.73
C8 SAM F . 14.43 16.81 17.43
N7 SAM F . 15.67 17.35 17.35
C5 SAM F . 16.05 17.78 18.57
C6 SAM F . 17.20 18.38 19.04
N6 SAM F . 18.20 18.67 18.21
N1 SAM F . 17.27 18.71 20.38
C2 SAM F . 16.23 18.42 21.24
N3 SAM F . 15.10 17.81 20.76
C4 SAM F . 15.01 17.50 19.44
#